data_1MQT
#
_entry.id   1MQT
#
_cell.length_a   318.350
_cell.length_b   349.960
_cell.length_c   371.720
_cell.angle_alpha   90.00
_cell.angle_beta   90.00
_cell.angle_gamma   90.00
#
_symmetry.space_group_name_H-M   'I 2 2 2'
#
loop_
_entity.id
_entity.type
_entity.pdbx_description
1 polymer Polyprotein
2 polymer 'Polyprotein Capsid Protein'
3 polymer 'Polyprotein Capsid Protein'
4 polymer 'Polyprotein Capsid Protein'
5 non-polymer 'OCTANOIC ACID (2-HYDROXY-1-HYDROXYMETHYL-HEPTADEC-3-ENYL)-AMIDE'
6 water water
#
loop_
_entity_poly.entity_id
_entity_poly.type
_entity_poly.pdbx_seq_one_letter_code
_entity_poly.pdbx_strand_id
1 'polypeptide(L)'
;GPPGGVTEGIIARVADTVGSGPVNSESIPALTAAETGHTSQVVPSDTMQTRHVKNYHSRSESTVENFLCRSACVFYTTYK
NHDSDGDNFAYWVINARQVAQLRRKLEMFTYARFDLELTFVITSTQEQSTTQGQDTPVLTHQIMYVPPGGPVPTKVNSYS
WQTSTNPSVFWTEGNAPPRMSIPFIGIGNAYSMFYDGWARFDKQGTYGISTLNSMGTLYMRHVNGGGPGPIVSTVRIYFK
PKHVKTWVPRPPRLCQYKKAGNVNFIPTSVTEGRTDITTMKTT
;
A
2 'polypeptide(L)'
;SPSAEECGYSDRVRSITLGNSTITTQECANVVVGYGVWPAYLKDEEATAEDQPTQPDVATCRFYTLESVMWQQGSPGWWW
KFPDALSNMGLFGQNMQYHYLGRAGYTIHVQCNASKFHQGCLLVVCVPEAEMGCATLANKPDPKSLSKGEIASTFESQNS
TGETAVQANVINAGMGVGVGNLTIFPHQWINLRTNNSATIVMPYINSVPMDNMFRHNNFTLMVIPFAPLSYSAGATTYVP
ITVTVAPMCAEYNGLRLAGKQ
;
B
3 'polypeptide(L)'
;GLPTLATPGSNQFLTSDDFQSPSAMPQFDVTPEMDIPGQVNNLMEIAEVDSVVPVNNTEGKEMSIEAYQIPVQSNPTNGS
QVFGFPLTPGASSVLNRTLLGEILNYYAHWSGSIKLTFMFCGSAMATGKFLLAYSPPGAGAPTTRKEAMLGTHVIWDVGL
QSSCVLCIPWISQTHYRYVVMDEYTAGGYITCWYQTNIVVPADAQSDCKILCFVSACNDFSVRMLKDTPFIKQDNFFQ
;
C
4 'polypeptide(L)' GAQVSTQKTGAHETSLNAAGNSVIHYTNINYYKDAASNSANRQDFTQDPGKFTEPVKDIMVKSMPALN D
#
# COMPACT_ATOMS: atom_id res chain seq x y z
N ARG A 13 22.12 1.64 5.92
CA ARG A 13 22.36 1.39 7.39
C ARG A 13 21.38 2.08 8.34
N VAL A 14 21.13 1.42 9.47
CA VAL A 14 20.24 1.89 10.54
C VAL A 14 20.93 2.90 11.49
N ALA A 15 20.12 3.62 12.27
CA ALA A 15 20.60 4.63 13.23
C ALA A 15 20.97 3.97 14.55
N ASP A 16 22.08 4.40 15.16
CA ASP A 16 22.47 3.81 16.44
C ASP A 16 21.82 4.50 17.65
N THR A 17 21.80 3.83 18.80
CA THR A 17 21.18 4.36 20.02
C THR A 17 22.02 5.39 20.79
N VAL A 18 21.32 6.39 21.34
CA VAL A 18 21.96 7.46 22.10
C VAL A 18 21.87 7.25 23.61
N GLY A 19 22.97 7.55 24.31
CA GLY A 19 22.98 7.40 25.76
C GLY A 19 22.01 8.36 26.43
N SER A 20 21.12 7.82 27.27
CA SER A 20 20.11 8.63 27.96
C SER A 20 20.13 8.55 29.49
N GLY A 21 20.04 9.71 30.14
CA GLY A 21 20.01 9.77 31.60
C GLY A 21 18.62 10.19 32.06
N PRO A 22 18.39 10.45 33.36
CA PRO A 22 17.08 10.86 33.87
C PRO A 22 16.72 12.33 33.53
N VAL A 23 15.42 12.60 33.34
CA VAL A 23 14.93 13.95 32.97
C VAL A 23 13.81 14.50 33.87
N ASN A 24 13.65 15.82 33.84
CA ASN A 24 12.62 16.57 34.60
C ASN A 24 12.24 17.90 33.91
N SER A 25 11.31 17.82 32.95
CA SER A 25 10.91 19.01 32.18
C SER A 25 9.43 19.12 31.74
N GLU A 26 9.09 20.28 31.18
CA GLU A 26 7.74 20.56 30.66
C GLU A 26 7.67 20.01 29.21
N SER A 27 8.80 19.45 28.74
CA SER A 27 8.90 18.86 27.40
C SER A 27 8.05 17.57 27.40
N ILE A 28 7.21 17.42 26.38
CA ILE A 28 6.32 16.26 26.28
C ILE A 28 6.63 15.36 25.06
N PRO A 29 7.80 14.68 25.06
CA PRO A 29 8.18 13.80 23.95
C PRO A 29 7.23 12.58 23.85
N ALA A 30 6.62 12.24 25.00
CA ALA A 30 5.67 11.12 25.12
C ALA A 30 4.24 11.38 24.59
N LEU A 31 3.87 12.67 24.49
CA LEU A 31 2.54 13.06 24.01
C LEU A 31 2.50 14.00 22.78
N THR A 32 1.66 13.61 21.81
CA THR A 32 1.45 14.36 20.55
C THR A 32 -0.06 14.39 20.22
N ALA A 33 -0.35 14.56 18.92
CA ALA A 33 -1.71 14.60 18.40
C ALA A 33 -1.76 13.79 17.09
N ALA A 34 -1.93 12.47 17.21
CA ALA A 34 -1.98 11.57 16.04
C ALA A 34 -2.97 12.08 14.97
N GLU A 35 -3.94 12.87 15.42
CA GLU A 35 -4.95 13.47 14.56
C GLU A 35 -4.26 14.30 13.47
N THR A 36 -2.98 14.60 13.70
CA THR A 36 -2.15 15.37 12.79
C THR A 36 -1.90 14.62 11.49
N GLY A 37 -1.71 13.30 11.60
CA GLY A 37 -1.43 12.49 10.42
C GLY A 37 0.08 12.34 10.27
N HIS A 38 0.81 13.10 11.08
CA HIS A 38 2.27 13.07 11.10
C HIS A 38 2.63 11.90 12.05
N THR A 39 3.60 11.06 11.64
CA THR A 39 4.04 9.92 12.48
C THR A 39 5.13 10.38 13.46
N SER A 40 5.04 9.93 14.72
CA SER A 40 6.02 10.34 15.73
C SER A 40 7.47 9.91 15.51
N GLN A 41 8.38 10.87 15.68
CA GLN A 41 9.82 10.61 15.52
C GLN A 41 10.41 10.35 16.91
N VAL A 42 9.66 9.57 17.68
CA VAL A 42 10.02 9.21 19.03
C VAL A 42 10.90 7.97 19.06
N VAL A 43 12.07 8.14 19.68
CA VAL A 43 13.04 7.08 19.83
C VAL A 43 12.96 6.63 21.30
N PRO A 44 13.63 5.53 21.66
CA PRO A 44 13.57 5.07 23.05
C PRO A 44 14.33 5.99 24.01
N SER A 45 15.18 6.87 23.47
CA SER A 45 15.96 7.81 24.30
C SER A 45 15.02 8.68 25.12
N ASP A 46 13.83 8.93 24.55
CA ASP A 46 12.81 9.69 25.24
C ASP A 46 12.06 8.62 26.00
N THR A 47 11.15 9.01 26.90
CA THR A 47 10.36 8.07 27.70
C THR A 47 11.08 6.90 28.44
N MET A 48 12.42 6.96 28.55
CA MET A 48 13.19 5.93 29.26
C MET A 48 14.71 6.12 29.14
N GLN A 49 15.46 5.63 30.13
CA GLN A 49 16.93 5.73 30.12
C GLN A 49 17.50 4.65 29.21
N THR A 50 18.55 5.00 28.47
CA THR A 50 19.18 4.04 27.56
C THR A 50 20.68 4.16 27.59
N ARG A 51 21.35 3.07 27.25
CA ARG A 51 22.80 3.06 27.18
C ARG A 51 23.10 3.57 25.78
N HIS A 52 24.38 3.59 25.40
CA HIS A 52 24.74 4.03 24.07
C HIS A 52 25.01 2.74 23.28
N VAL A 53 24.47 2.66 22.06
CA VAL A 53 24.69 1.46 21.26
C VAL A 53 24.97 1.81 19.80
N LYS A 54 26.20 1.54 19.36
CA LYS A 54 26.55 1.81 17.96
C LYS A 54 25.95 0.68 17.12
N ASN A 55 24.84 1.00 16.45
CA ASN A 55 24.13 0.03 15.61
C ASN A 55 24.62 -0.01 14.17
N TYR A 56 25.05 -1.21 13.77
CA TYR A 56 25.59 -1.47 12.45
C TYR A 56 24.60 -2.05 11.45
N HIS A 57 23.45 -2.53 11.94
CA HIS A 57 22.41 -3.11 11.08
C HIS A 57 22.19 -2.33 9.79
N SER A 58 22.03 -3.04 8.68
CA SER A 58 21.79 -2.39 7.39
C SER A 58 20.41 -2.78 6.85
N ARG A 59 19.75 -1.84 6.19
CA ARG A 59 18.42 -2.11 5.64
C ARG A 59 18.53 -2.63 4.21
N SER A 60 19.76 -2.82 3.77
CA SER A 60 20.07 -3.30 2.42
C SER A 60 19.11 -4.31 1.80
N GLU A 61 18.61 -5.25 2.57
CA GLU A 61 17.73 -6.25 1.98
C GLU A 61 16.27 -5.85 1.84
N SER A 62 15.89 -4.69 2.38
CA SER A 62 14.49 -4.27 2.28
C SER A 62 14.28 -3.19 1.23
N THR A 63 15.32 -2.94 0.43
CA THR A 63 15.24 -1.96 -0.64
C THR A 63 14.23 -2.44 -1.67
N VAL A 64 13.47 -1.50 -2.20
CA VAL A 64 12.47 -1.82 -3.21
C VAL A 64 13.04 -2.72 -4.29
N GLU A 65 14.25 -2.40 -4.72
CA GLU A 65 14.93 -3.18 -5.75
C GLU A 65 15.03 -4.65 -5.35
N ASN A 66 15.54 -4.91 -4.16
CA ASN A 66 15.69 -6.28 -3.69
C ASN A 66 14.42 -6.99 -3.35
N PHE A 67 13.40 -6.25 -2.95
CA PHE A 67 12.12 -6.85 -2.61
C PHE A 67 11.50 -7.48 -3.86
N LEU A 68 11.69 -6.82 -5.00
CA LEU A 68 11.11 -7.32 -6.23
C LEU A 68 12.03 -8.17 -7.08
N CYS A 69 13.30 -7.80 -7.16
CA CYS A 69 14.25 -8.52 -7.99
C CYS A 69 14.48 -10.01 -7.70
N ARG A 70 13.50 -10.84 -8.00
CA ARG A 70 13.59 -12.30 -7.83
C ARG A 70 12.60 -12.98 -8.78
N SER A 71 13.12 -13.79 -9.70
CA SER A 71 12.28 -14.50 -10.66
C SER A 71 11.08 -15.18 -9.99
N ALA A 72 9.92 -15.05 -10.62
CA ALA A 72 8.69 -15.64 -10.11
C ALA A 72 7.83 -16.12 -11.27
N CYS A 73 7.25 -17.29 -11.13
CA CYS A 73 6.41 -17.82 -12.19
C CYS A 73 5.17 -16.96 -12.31
N VAL A 74 4.78 -16.62 -13.53
CA VAL A 74 3.61 -15.80 -13.73
C VAL A 74 2.54 -16.54 -14.51
N PHE A 75 2.89 -17.70 -15.05
CA PHE A 75 1.94 -18.49 -15.81
C PHE A 75 2.65 -19.64 -16.51
N TYR A 76 1.88 -20.46 -17.20
CA TYR A 76 2.44 -21.56 -17.97
C TYR A 76 1.36 -22.24 -18.82
N THR A 77 1.80 -22.90 -19.90
CA THR A 77 0.88 -23.60 -20.78
C THR A 77 1.35 -24.93 -21.33
N THR A 78 0.51 -25.49 -22.18
CA THR A 78 0.74 -26.80 -22.78
C THR A 78 0.50 -26.87 -24.27
N TYR A 79 1.09 -27.88 -24.90
CA TYR A 79 0.86 -28.12 -26.32
C TYR A 79 1.45 -29.45 -26.71
N LYS A 80 0.75 -30.14 -27.61
CA LYS A 80 1.16 -31.46 -28.07
C LYS A 80 2.07 -31.43 -29.28
N ASN A 81 2.84 -32.50 -29.46
CA ASN A 81 3.75 -32.60 -30.59
C ASN A 81 2.94 -32.96 -31.82
N HIS A 82 1.78 -33.54 -31.57
CA HIS A 82 0.92 -33.95 -32.64
C HIS A 82 -0.51 -33.48 -32.49
N ASP A 83 -1.22 -33.54 -33.61
CA ASP A 83 -2.62 -33.17 -33.71
C ASP A 83 -2.87 -32.78 -35.14
N SER A 84 -3.92 -33.34 -35.72
CA SER A 84 -4.25 -32.98 -37.07
C SER A 84 -4.94 -31.61 -36.88
N ASP A 85 -5.09 -30.86 -37.98
CA ASP A 85 -5.74 -29.55 -37.92
C ASP A 85 -4.81 -28.45 -37.40
N GLY A 86 -3.51 -28.73 -37.26
CA GLY A 86 -2.63 -27.72 -36.71
C GLY A 86 -3.09 -27.76 -35.25
N ASP A 87 -3.60 -26.64 -34.74
CA ASP A 87 -4.13 -26.62 -33.35
C ASP A 87 -3.27 -27.22 -32.23
N ASN A 88 -1.97 -27.39 -32.44
CA ASN A 88 -1.14 -27.95 -31.38
C ASN A 88 0.03 -27.02 -31.07
N PHE A 89 -0.35 -25.86 -30.55
CA PHE A 89 0.57 -24.81 -30.14
C PHE A 89 -0.24 -24.03 -29.11
N ALA A 90 0.41 -23.20 -28.30
CA ALA A 90 -0.33 -22.45 -27.32
C ALA A 90 0.02 -20.98 -27.38
N TYR A 91 -0.71 -20.19 -26.61
CA TYR A 91 -0.47 -18.76 -26.54
C TYR A 91 -0.93 -18.28 -25.20
N TRP A 92 -0.48 -17.08 -24.83
CA TRP A 92 -0.84 -16.48 -23.55
C TRP A 92 -0.68 -14.98 -23.63
N VAL A 93 -1.72 -14.27 -23.23
CA VAL A 93 -1.66 -12.82 -23.24
C VAL A 93 -0.87 -12.35 -22.03
N ILE A 94 0.28 -11.73 -22.31
CA ILE A 94 1.14 -11.24 -21.24
C ILE A 94 0.32 -10.44 -20.26
N ASN A 95 0.56 -10.69 -18.98
CA ASN A 95 -0.12 -9.97 -17.89
C ASN A 95 0.38 -10.56 -16.59
N ALA A 96 0.41 -9.76 -15.53
CA ALA A 96 0.91 -10.26 -14.26
C ALA A 96 -0.11 -10.39 -13.16
N ARG A 97 -1.35 -10.74 -13.50
CA ARG A 97 -2.36 -10.85 -12.46
C ARG A 97 -3.00 -12.21 -12.35
N GLN A 98 -2.44 -13.22 -13.02
CA GLN A 98 -3.03 -14.55 -12.93
C GLN A 98 -2.38 -15.40 -11.86
N VAL A 99 -1.37 -14.84 -11.22
CA VAL A 99 -0.63 -15.52 -10.18
C VAL A 99 -0.78 -14.69 -8.92
N ALA A 100 -1.00 -15.35 -7.78
CA ALA A 100 -1.19 -14.63 -6.52
C ALA A 100 0.07 -14.02 -5.92
N GLN A 101 1.13 -14.81 -5.86
CA GLN A 101 2.41 -14.38 -5.31
C GLN A 101 2.87 -12.98 -5.73
N LEU A 102 3.36 -12.89 -6.96
CA LEU A 102 3.90 -11.65 -7.51
C LEU A 102 2.93 -10.48 -7.61
N ARG A 103 1.69 -10.78 -7.97
CA ARG A 103 0.70 -9.72 -8.09
C ARG A 103 0.68 -8.93 -6.78
N ARG A 104 0.40 -9.61 -5.67
CA ARG A 104 0.35 -8.95 -4.38
C ARG A 104 1.59 -8.10 -4.11
N LYS A 105 2.75 -8.56 -4.54
CA LYS A 105 3.99 -7.82 -4.34
C LYS A 105 3.98 -6.52 -5.15
N LEU A 106 3.73 -6.65 -6.44
CA LEU A 106 3.67 -5.49 -7.30
C LEU A 106 2.57 -4.55 -6.86
N GLU A 107 1.50 -5.10 -6.29
CA GLU A 107 0.38 -4.27 -5.86
C GLU A 107 0.55 -3.65 -4.48
N MET A 108 1.80 -3.46 -4.08
CA MET A 108 2.05 -2.83 -2.81
C MET A 108 2.46 -1.43 -3.15
N PHE A 109 2.42 -1.13 -4.45
CA PHE A 109 2.77 0.18 -4.99
C PHE A 109 1.74 0.51 -6.06
N THR A 110 1.35 1.78 -6.13
CA THR A 110 0.35 2.17 -7.13
C THR A 110 0.98 2.22 -8.52
N TYR A 111 2.10 2.91 -8.64
CA TYR A 111 2.79 3.03 -9.90
C TYR A 111 4.21 2.52 -9.77
N ALA A 112 4.69 1.86 -10.80
CA ALA A 112 6.04 1.35 -10.76
C ALA A 112 6.64 1.45 -12.14
N ARG A 113 7.96 1.37 -12.20
CA ARG A 113 8.67 1.46 -13.45
C ARG A 113 9.86 0.53 -13.33
N PHE A 114 10.06 -0.32 -14.32
CA PHE A 114 11.16 -1.27 -14.27
C PHE A 114 11.40 -2.07 -15.55
N ASP A 115 12.59 -2.65 -15.66
CA ASP A 115 12.92 -3.49 -16.81
C ASP A 115 12.56 -4.89 -16.37
N LEU A 116 12.40 -5.80 -17.33
CA LEU A 116 12.02 -7.15 -16.97
C LEU A 116 13.00 -8.21 -17.48
N GLU A 117 13.28 -9.20 -16.65
CA GLU A 117 14.18 -10.28 -17.06
C GLU A 117 13.39 -11.56 -17.25
N LEU A 118 13.15 -11.89 -18.52
CA LEU A 118 12.40 -13.08 -18.90
C LEU A 118 13.20 -14.37 -18.88
N THR A 119 12.69 -15.37 -18.17
CA THR A 119 13.36 -16.67 -18.10
C THR A 119 12.28 -17.72 -18.31
N PHE A 120 12.53 -18.64 -19.25
CA PHE A 120 11.57 -19.71 -19.57
C PHE A 120 12.13 -21.07 -19.19
N VAL A 121 11.28 -21.91 -18.59
CA VAL A 121 11.67 -23.24 -18.19
C VAL A 121 10.81 -24.22 -18.97
N ILE A 122 11.35 -24.77 -20.05
CA ILE A 122 10.59 -25.69 -20.87
C ILE A 122 10.84 -27.17 -20.59
N THR A 123 9.76 -27.92 -20.41
CA THR A 123 9.85 -29.35 -20.14
C THR A 123 8.84 -30.17 -20.96
N SER A 124 9.21 -31.41 -21.25
CA SER A 124 8.35 -32.30 -22.03
C SER A 124 8.11 -33.63 -21.33
N THR A 125 6.88 -34.10 -21.43
CA THR A 125 6.48 -35.37 -20.83
C THR A 125 5.88 -36.22 -21.93
N GLN A 126 6.00 -37.54 -21.79
CA GLN A 126 5.49 -38.46 -22.78
C GLN A 126 4.32 -39.22 -22.22
N GLU A 127 3.25 -39.34 -23.00
CA GLU A 127 2.06 -40.02 -22.55
C GLU A 127 1.91 -41.44 -23.10
N GLN A 128 1.11 -42.27 -22.43
CA GLN A 128 0.86 -43.69 -22.79
C GLN A 128 0.24 -43.92 -24.18
N SER A 129 0.60 -45.03 -24.83
CA SER A 129 0.07 -45.36 -26.18
C SER A 129 -0.03 -46.86 -26.53
N THR A 130 0.69 -47.23 -27.58
CA THR A 130 0.76 -48.58 -28.09
C THR A 130 1.89 -48.51 -29.12
N THR A 131 2.27 -47.28 -29.45
CA THR A 131 3.33 -47.02 -30.41
C THR A 131 4.58 -47.79 -30.02
N GLN A 132 5.28 -48.33 -31.02
CA GLN A 132 6.49 -49.10 -30.76
C GLN A 132 7.66 -48.56 -31.57
N GLY A 133 8.85 -49.09 -31.29
CA GLY A 133 10.04 -48.64 -32.00
C GLY A 133 10.24 -47.14 -31.92
N GLN A 134 10.21 -46.59 -30.71
CA GLN A 134 10.37 -45.16 -30.52
C GLN A 134 11.78 -44.80 -30.06
N ASP A 135 12.47 -44.01 -30.88
CA ASP A 135 13.83 -43.56 -30.58
C ASP A 135 13.86 -42.07 -30.92
N THR A 136 13.14 -41.31 -30.11
CA THR A 136 12.95 -39.87 -30.29
C THR A 136 14.13 -38.91 -30.18
N PRO A 137 14.36 -38.09 -31.23
CA PRO A 137 15.44 -37.11 -31.25
C PRO A 137 15.16 -35.97 -30.29
N VAL A 138 16.11 -35.05 -30.18
CA VAL A 138 15.99 -33.92 -29.27
C VAL A 138 14.82 -33.05 -29.70
N LEU A 139 14.20 -32.36 -28.74
CA LEU A 139 13.08 -31.49 -29.03
C LEU A 139 13.54 -30.04 -29.09
N THR A 140 13.10 -29.31 -30.10
CA THR A 140 13.45 -27.90 -30.24
C THR A 140 12.16 -27.08 -30.25
N HIS A 141 12.07 -26.10 -29.38
CA HIS A 141 10.87 -25.28 -29.31
C HIS A 141 11.06 -23.88 -29.91
N GLN A 142 9.97 -23.12 -29.90
CA GLN A 142 9.96 -21.75 -30.39
C GLN A 142 8.90 -20.94 -29.65
N ILE A 143 9.37 -19.91 -28.97
CA ILE A 143 8.52 -19.00 -28.22
C ILE A 143 8.58 -17.73 -29.07
N MET A 144 7.43 -17.20 -29.49
CA MET A 144 7.46 -15.99 -30.30
C MET A 144 6.56 -14.92 -29.72
N TYR A 145 7.12 -13.74 -29.52
CA TYR A 145 6.36 -12.64 -28.96
C TYR A 145 5.68 -11.88 -30.09
N VAL A 146 4.44 -11.47 -29.86
CA VAL A 146 3.72 -10.75 -30.89
C VAL A 146 3.13 -9.45 -30.38
N PRO A 147 3.82 -8.33 -30.62
CA PRO A 147 3.34 -7.03 -30.17
C PRO A 147 1.91 -6.87 -30.62
N PRO A 148 1.11 -6.08 -29.89
CA PRO A 148 -0.29 -5.86 -30.23
C PRO A 148 -0.52 -5.23 -31.61
N GLY A 149 -1.31 -5.93 -32.43
CA GLY A 149 -1.58 -5.46 -33.77
C GLY A 149 -0.94 -6.39 -34.78
N GLY A 150 0.08 -7.12 -34.33
CA GLY A 150 0.75 -8.04 -35.23
C GLY A 150 -0.10 -9.22 -35.64
N PRO A 151 0.21 -9.86 -36.78
CA PRO A 151 -0.54 -11.01 -37.28
C PRO A 151 -0.30 -12.23 -36.40
N VAL A 152 -1.39 -12.79 -35.88
CA VAL A 152 -1.30 -13.93 -35.01
C VAL A 152 -1.42 -15.26 -35.76
N PRO A 153 -0.70 -16.29 -35.29
CA PRO A 153 -0.68 -17.64 -35.87
C PRO A 153 -2.04 -18.35 -35.73
N THR A 154 -2.35 -19.21 -36.69
CA THR A 154 -3.61 -19.96 -36.70
C THR A 154 -3.38 -21.44 -36.47
N LYS A 155 -2.41 -21.99 -37.19
CA LYS A 155 -2.09 -23.40 -37.05
C LYS A 155 -0.60 -23.55 -36.76
N VAL A 156 -0.21 -24.74 -36.33
CA VAL A 156 1.17 -25.01 -35.99
C VAL A 156 2.13 -24.67 -37.11
N ASN A 157 1.62 -24.19 -38.23
CA ASN A 157 2.51 -23.89 -39.34
C ASN A 157 2.15 -22.69 -40.21
N SER A 158 1.31 -21.78 -39.72
CA SER A 158 0.97 -20.61 -40.53
C SER A 158 2.20 -19.70 -40.67
N TYR A 159 2.35 -19.14 -41.86
CA TYR A 159 3.46 -18.27 -42.25
C TYR A 159 4.02 -17.36 -41.16
N SER A 160 3.15 -16.82 -40.32
CA SER A 160 3.57 -15.89 -39.29
C SER A 160 4.71 -16.33 -38.38
N TRP A 161 5.05 -17.62 -38.36
CA TRP A 161 6.14 -18.07 -37.48
C TRP A 161 7.52 -17.71 -38.03
N GLN A 162 7.56 -17.00 -39.15
CA GLN A 162 8.84 -16.61 -39.74
C GLN A 162 9.48 -15.54 -38.87
N THR A 163 8.66 -14.88 -38.06
CA THR A 163 9.15 -13.84 -37.16
C THR A 163 10.19 -12.90 -37.81
N SER A 164 9.91 -12.45 -39.02
CA SER A 164 10.81 -11.56 -39.73
C SER A 164 11.09 -10.28 -38.96
N THR A 165 10.16 -9.94 -38.08
CA THR A 165 10.28 -8.74 -37.28
C THR A 165 10.05 -9.07 -35.82
N ASN A 166 8.97 -9.80 -35.54
CA ASN A 166 8.69 -10.18 -34.17
C ASN A 166 9.88 -10.95 -33.65
N PRO A 167 10.30 -10.64 -32.42
CA PRO A 167 11.44 -11.35 -31.86
C PRO A 167 10.93 -12.65 -31.28
N SER A 168 11.79 -13.66 -31.22
CA SER A 168 11.38 -14.92 -30.64
C SER A 168 12.62 -15.71 -30.25
N VAL A 169 12.42 -16.83 -29.54
CA VAL A 169 13.55 -17.63 -29.11
C VAL A 169 13.40 -19.07 -29.52
N PHE A 170 14.48 -19.63 -30.03
CA PHE A 170 14.52 -21.03 -30.42
C PHE A 170 15.37 -21.70 -29.36
N TRP A 171 14.93 -22.87 -28.89
CA TRP A 171 15.66 -23.55 -27.81
C TRP A 171 15.61 -25.06 -27.89
N THR A 172 16.75 -25.70 -27.71
CA THR A 172 16.81 -27.16 -27.77
C THR A 172 16.80 -27.71 -26.38
N GLU A 173 15.86 -28.62 -26.12
CA GLU A 173 15.71 -29.24 -24.83
C GLU A 173 17.05 -29.81 -24.34
N GLY A 174 17.29 -29.70 -23.04
CA GLY A 174 18.52 -30.22 -22.49
C GLY A 174 19.52 -29.14 -22.14
N ASN A 175 19.29 -27.91 -22.60
CA ASN A 175 20.20 -26.83 -22.31
C ASN A 175 19.70 -25.88 -21.25
N ALA A 176 20.52 -24.89 -20.93
CA ALA A 176 20.15 -23.93 -19.93
C ALA A 176 18.89 -23.21 -20.35
N PRO A 177 17.99 -22.93 -19.40
CA PRO A 177 16.73 -22.23 -19.69
C PRO A 177 16.99 -20.93 -20.43
N PRO A 178 16.11 -20.58 -21.39
CA PRO A 178 16.15 -19.37 -22.22
C PRO A 178 15.95 -18.12 -21.38
N ARG A 179 16.52 -16.99 -21.82
CA ARG A 179 16.39 -15.73 -21.08
C ARG A 179 16.66 -14.47 -21.89
N MET A 180 15.84 -13.44 -21.69
CA MET A 180 15.99 -12.16 -22.38
C MET A 180 15.71 -11.02 -21.44
N SER A 181 15.95 -9.80 -21.93
CA SER A 181 15.69 -8.60 -21.14
C SER A 181 14.71 -7.70 -21.91
N ILE A 182 13.79 -7.08 -21.19
CA ILE A 182 12.83 -6.18 -21.81
C ILE A 182 12.92 -4.82 -21.15
N PRO A 183 12.99 -3.76 -21.95
CA PRO A 183 13.08 -2.39 -21.41
C PRO A 183 11.72 -1.96 -20.89
N PHE A 184 11.65 -0.79 -20.29
CA PHE A 184 10.37 -0.30 -19.78
C PHE A 184 9.49 0.11 -20.97
N ILE A 185 8.70 -0.85 -21.45
CA ILE A 185 7.84 -0.62 -22.61
C ILE A 185 6.54 0.14 -22.36
N GLY A 186 6.42 0.82 -21.22
CA GLY A 186 5.19 1.54 -20.95
C GLY A 186 4.94 2.70 -21.86
N ILE A 187 3.68 3.07 -22.01
CA ILE A 187 3.31 4.22 -22.84
C ILE A 187 3.48 5.47 -21.98
N GLY A 188 2.94 5.44 -20.76
CA GLY A 188 3.05 6.58 -19.87
C GLY A 188 4.40 6.58 -19.19
N ASN A 189 4.64 7.51 -18.28
CA ASN A 189 5.93 7.58 -17.61
C ASN A 189 6.11 6.49 -16.57
N ALA A 190 5.17 5.55 -16.52
CA ALA A 190 5.25 4.45 -15.57
C ALA A 190 4.12 3.43 -15.74
N TYR A 191 4.31 2.24 -15.18
CA TYR A 191 3.28 1.20 -15.26
C TYR A 191 2.25 1.53 -14.23
N SER A 192 0.99 1.28 -14.54
CA SER A 192 -0.06 1.58 -13.58
C SER A 192 -0.50 0.24 -12.98
N MET A 193 -0.53 0.16 -11.66
CA MET A 193 -0.93 -1.08 -11.00
C MET A 193 -2.42 -1.11 -10.75
N PHE A 194 -3.01 0.07 -10.70
CA PHE A 194 -4.45 0.24 -10.48
C PHE A 194 -4.97 1.37 -11.38
N TYR A 195 -6.26 1.34 -11.65
CA TYR A 195 -6.85 2.37 -12.51
C TYR A 195 -8.32 2.56 -12.20
N ASP A 196 -8.64 3.52 -11.34
CA ASP A 196 -10.02 3.80 -10.99
C ASP A 196 -10.60 4.62 -12.13
N GLY A 197 -10.77 3.97 -13.28
CA GLY A 197 -11.31 4.65 -14.45
C GLY A 197 -11.92 3.68 -15.44
N TRP A 198 -12.40 4.21 -16.56
CA TRP A 198 -13.01 3.39 -17.59
C TRP A 198 -12.23 3.45 -18.88
N ALA A 199 -12.66 2.67 -19.86
CA ALA A 199 -11.97 2.64 -21.14
C ALA A 199 -12.53 3.73 -22.05
N ARG A 200 -13.87 3.83 -22.11
CA ARG A 200 -14.53 4.82 -22.96
C ARG A 200 -14.93 6.06 -22.18
N PHE A 201 -14.98 7.20 -22.86
CA PHE A 201 -15.33 8.45 -22.20
C PHE A 201 -16.78 8.56 -21.75
N ASP A 202 -17.54 7.49 -21.90
CA ASP A 202 -18.92 7.54 -21.47
C ASP A 202 -19.15 6.46 -20.43
N LYS A 203 -18.13 6.24 -19.62
CA LYS A 203 -18.14 5.27 -18.53
C LYS A 203 -18.85 3.96 -18.84
N GLN A 204 -19.05 3.70 -20.12
CA GLN A 204 -19.74 2.48 -20.50
C GLN A 204 -18.77 1.40 -20.89
N GLY A 205 -18.95 0.21 -20.33
CA GLY A 205 -18.06 -0.88 -20.65
C GLY A 205 -17.05 -1.23 -19.57
N THR A 206 -15.83 -1.54 -20.00
CA THR A 206 -14.77 -1.94 -19.10
C THR A 206 -14.37 -0.92 -18.07
N TYR A 207 -14.28 -1.40 -16.83
CA TYR A 207 -13.85 -0.60 -15.68
C TYR A 207 -12.76 -1.42 -15.01
N GLY A 208 -11.65 -0.77 -14.64
CA GLY A 208 -10.58 -1.48 -13.98
C GLY A 208 -9.22 -1.45 -14.67
N ILE A 209 -8.22 -2.10 -14.07
CA ILE A 209 -6.87 -2.12 -14.65
C ILE A 209 -6.91 -2.77 -16.01
N SER A 210 -7.86 -3.68 -16.17
CA SER A 210 -8.02 -4.40 -17.43
C SER A 210 -7.98 -3.52 -18.68
N THR A 211 -8.15 -2.21 -18.52
CA THR A 211 -8.12 -1.31 -19.67
C THR A 211 -6.71 -0.86 -20.06
N LEU A 212 -5.84 -0.70 -19.08
CA LEU A 212 -4.46 -0.30 -19.36
C LEU A 212 -3.71 -1.50 -19.90
N ASN A 213 -4.23 -2.66 -19.56
CA ASN A 213 -3.66 -3.93 -19.97
C ASN A 213 -3.72 -4.09 -21.49
N SER A 214 -2.56 -4.30 -22.10
CA SER A 214 -2.43 -4.47 -23.55
C SER A 214 -0.95 -4.57 -23.94
N MET A 215 -0.38 -5.77 -23.76
CA MET A 215 1.02 -5.95 -24.07
C MET A 215 1.36 -7.10 -25.01
N GLY A 216 0.39 -7.48 -25.85
CA GLY A 216 0.64 -8.55 -26.81
C GLY A 216 0.57 -9.97 -26.28
N THR A 217 0.67 -10.94 -27.19
CA THR A 217 0.61 -12.34 -26.81
C THR A 217 1.93 -13.06 -27.02
N LEU A 218 2.06 -14.22 -26.40
CA LEU A 218 3.26 -15.02 -26.49
C LEU A 218 2.87 -16.35 -27.11
N TYR A 219 3.55 -16.75 -28.18
CA TYR A 219 3.22 -18.01 -28.84
C TYR A 219 4.30 -19.07 -28.73
N MET A 220 3.88 -20.27 -28.34
CA MET A 220 4.81 -21.39 -28.18
C MET A 220 4.43 -22.51 -29.15
N ARG A 221 5.40 -23.36 -29.48
CA ARG A 221 5.15 -24.47 -30.40
C ARG A 221 6.37 -25.36 -30.58
N HIS A 222 6.11 -26.62 -30.91
CA HIS A 222 7.18 -27.56 -31.17
C HIS A 222 7.65 -27.27 -32.58
N VAL A 223 8.95 -27.36 -32.81
CA VAL A 223 9.46 -27.14 -34.14
C VAL A 223 9.42 -28.48 -34.85
N ASN A 224 9.92 -29.50 -34.17
CA ASN A 224 9.93 -30.84 -34.72
C ASN A 224 9.01 -31.72 -33.90
N GLY A 225 8.28 -32.62 -34.57
CA GLY A 225 7.36 -33.50 -33.88
C GLY A 225 8.01 -34.54 -32.98
N GLY A 226 9.31 -34.72 -33.14
CA GLY A 226 10.04 -35.69 -32.35
C GLY A 226 9.80 -37.10 -32.87
N GLY A 227 8.77 -37.77 -32.35
CA GLY A 227 8.45 -39.11 -32.80
C GLY A 227 6.95 -39.17 -33.06
N PRO A 228 6.41 -40.35 -33.40
CA PRO A 228 4.97 -40.43 -33.66
C PRO A 228 4.25 -40.64 -32.32
N GLY A 229 5.02 -40.92 -31.28
CA GLY A 229 4.46 -41.11 -29.96
C GLY A 229 4.00 -39.80 -29.37
N PRO A 230 2.85 -39.79 -28.65
CA PRO A 230 2.30 -38.57 -28.04
C PRO A 230 3.18 -37.92 -26.97
N ILE A 231 3.43 -36.63 -27.12
CA ILE A 231 4.21 -35.88 -26.16
C ILE A 231 3.49 -34.58 -25.82
N VAL A 232 3.68 -34.11 -24.60
CA VAL A 232 3.06 -32.87 -24.13
C VAL A 232 4.09 -32.00 -23.42
N SER A 233 4.40 -30.86 -24.01
CA SER A 233 5.37 -29.96 -23.40
C SER A 233 4.67 -28.81 -22.67
N THR A 234 5.34 -28.32 -21.64
CA THR A 234 4.81 -27.24 -20.82
C THR A 234 5.81 -26.11 -20.69
N VAL A 235 5.36 -24.87 -20.94
CA VAL A 235 6.26 -23.72 -20.84
C VAL A 235 5.91 -22.85 -19.64
N ARG A 236 6.90 -22.60 -18.79
CA ARG A 236 6.72 -21.78 -17.59
C ARG A 236 7.37 -20.41 -17.80
N ILE A 237 6.62 -19.33 -17.57
CA ILE A 237 7.16 -17.98 -17.75
C ILE A 237 7.57 -17.37 -16.42
N TYR A 238 8.76 -16.78 -16.38
CA TYR A 238 9.25 -16.16 -15.15
C TYR A 238 9.65 -14.71 -15.30
N PHE A 239 9.00 -13.83 -14.55
CA PHE A 239 9.35 -12.43 -14.61
C PHE A 239 10.33 -12.13 -13.50
N LYS A 240 11.04 -11.01 -13.62
CA LYS A 240 12.00 -10.60 -12.61
C LYS A 240 12.38 -9.14 -12.82
N PRO A 241 11.62 -8.23 -12.22
CA PRO A 241 11.88 -6.80 -12.36
C PRO A 241 13.32 -6.41 -12.02
N LYS A 242 13.85 -5.43 -12.74
CA LYS A 242 15.21 -4.94 -12.53
C LYS A 242 15.15 -3.43 -12.61
N HIS A 243 16.16 -2.76 -12.06
CA HIS A 243 16.19 -1.30 -12.11
C HIS A 243 14.78 -0.79 -11.79
N VAL A 244 14.36 -0.98 -10.55
CA VAL A 244 13.01 -0.63 -10.12
C VAL A 244 12.78 0.79 -9.57
N LYS A 245 11.56 1.28 -9.74
CA LYS A 245 11.12 2.59 -9.27
C LYS A 245 9.69 2.40 -8.77
N THR A 246 9.39 2.85 -7.56
CA THR A 246 8.04 2.66 -7.05
C THR A 246 7.44 3.92 -6.39
N TRP A 247 6.15 4.13 -6.63
CA TRP A 247 5.46 5.29 -6.10
C TRP A 247 4.12 4.97 -5.45
N VAL A 248 3.79 5.70 -4.39
CA VAL A 248 2.53 5.55 -3.67
C VAL A 248 2.26 4.15 -3.16
N PRO A 249 2.62 3.88 -1.90
CA PRO A 249 2.46 2.62 -1.19
C PRO A 249 0.99 2.36 -0.91
N ARG A 250 0.63 1.09 -0.83
CA ARG A 250 -0.76 0.72 -0.59
C ARG A 250 -0.87 -0.42 0.42
N PRO A 251 -2.08 -0.61 0.97
CA PRO A 251 -2.28 -1.68 1.93
C PRO A 251 -2.19 -3.00 1.20
N PRO A 252 -1.36 -3.91 1.69
CA PRO A 252 -1.26 -5.20 1.01
C PRO A 252 -2.65 -5.79 0.81
N ARG A 253 -2.77 -6.66 -0.18
CA ARG A 253 -4.05 -7.31 -0.46
C ARG A 253 -4.50 -8.12 0.74
N LEU A 254 -5.66 -7.80 1.31
CA LEU A 254 -6.16 -8.55 2.46
C LEU A 254 -6.98 -9.75 2.05
N CYS A 255 -8.00 -9.51 1.24
CA CYS A 255 -8.87 -10.57 0.76
C CYS A 255 -8.16 -11.36 -0.32
N GLN A 256 -8.54 -12.61 -0.46
CA GLN A 256 -7.94 -13.44 -1.49
C GLN A 256 -8.35 -12.92 -2.85
N TYR A 257 -7.60 -13.27 -3.88
CA TYR A 257 -7.95 -12.83 -5.23
C TYR A 257 -9.07 -13.69 -5.80
N LYS A 258 -9.90 -13.11 -6.65
CA LYS A 258 -10.97 -13.89 -7.24
C LYS A 258 -10.97 -13.86 -8.76
N LYS A 259 -10.49 -12.76 -9.32
CA LYS A 259 -10.44 -12.62 -10.78
C LYS A 259 -9.11 -12.00 -11.21
N ALA A 260 -8.71 -12.29 -12.44
CA ALA A 260 -7.46 -11.77 -12.97
C ALA A 260 -7.64 -10.43 -13.64
N GLY A 261 -8.86 -10.14 -14.07
CA GLY A 261 -9.11 -8.87 -14.73
C GLY A 261 -9.68 -7.74 -13.86
N ASN A 262 -9.80 -7.97 -12.55
CA ASN A 262 -10.32 -6.93 -11.68
C ASN A 262 -9.98 -7.12 -10.21
N VAL A 263 -10.38 -6.14 -9.42
CA VAL A 263 -10.15 -6.13 -7.99
C VAL A 263 -11.14 -6.97 -7.19
N ASN A 264 -12.22 -7.40 -7.83
CA ASN A 264 -13.24 -8.18 -7.15
C ASN A 264 -12.75 -9.09 -6.05
N PHE A 265 -13.53 -9.08 -4.97
CA PHE A 265 -13.25 -9.86 -3.77
C PHE A 265 -14.53 -10.09 -3.00
N ILE A 266 -14.42 -11.01 -2.05
CA ILE A 266 -15.52 -11.34 -1.17
C ILE A 266 -14.96 -10.90 0.18
N PRO A 267 -15.71 -10.10 0.94
CA PRO A 267 -15.33 -9.58 2.26
C PRO A 267 -14.60 -10.50 3.21
N THR A 268 -13.49 -10.02 3.76
CA THR A 268 -12.69 -10.81 4.69
C THR A 268 -12.41 -10.08 6.01
N SER A 269 -12.31 -10.87 7.08
CA SER A 269 -12.05 -10.35 8.42
C SER A 269 -10.69 -9.68 8.47
N VAL A 270 -10.52 -8.69 9.34
CA VAL A 270 -9.26 -7.98 9.43
C VAL A 270 -8.10 -8.82 9.91
N THR A 271 -8.39 -9.83 10.72
CA THR A 271 -7.39 -10.75 11.26
C THR A 271 -8.13 -11.89 11.91
N GLU A 272 -7.39 -12.70 12.66
CA GLU A 272 -8.02 -13.80 13.34
C GLU A 272 -8.34 -13.42 14.77
N GLY A 273 -9.33 -14.08 15.34
CA GLY A 273 -9.71 -13.76 16.70
C GLY A 273 -9.03 -14.55 17.79
N ARG A 274 -9.07 -13.99 19.00
CA ARG A 274 -8.52 -14.64 20.17
C ARG A 274 -9.64 -14.65 21.20
N THR A 275 -9.44 -15.31 22.33
CA THR A 275 -10.47 -15.40 23.35
C THR A 275 -10.88 -14.08 24.03
N ASP A 276 -9.92 -13.40 24.67
CA ASP A 276 -10.19 -12.12 25.34
C ASP A 276 -9.35 -11.05 24.73
N ILE A 277 -9.61 -9.82 25.12
CA ILE A 277 -8.83 -8.70 24.62
C ILE A 277 -7.58 -8.74 25.48
N THR A 278 -7.48 -9.76 26.31
CA THR A 278 -6.35 -9.89 27.21
C THR A 278 -5.53 -11.17 27.02
N THR A 279 -6.01 -12.08 26.17
CA THR A 279 -5.34 -13.36 25.91
C THR A 279 -3.97 -13.24 25.25
N MET A 280 -2.92 -13.66 25.93
CA MET A 280 -1.59 -13.59 25.35
C MET A 280 -1.40 -14.80 24.44
N LYS A 281 -2.20 -15.83 24.68
CA LYS A 281 -2.11 -17.08 23.91
C LYS A 281 -2.63 -16.98 22.46
N THR A 282 -2.24 -15.89 21.78
CA THR A 282 -2.61 -15.57 20.38
C THR A 282 -3.09 -16.67 19.42
N THR A 283 -4.44 -16.72 19.31
CA THR A 283 -5.24 -17.66 18.48
C THR A 283 -4.87 -19.15 18.71
N GLY B 8 0.15 36.06 19.64
CA GLY B 8 -1.27 35.76 19.57
C GLY B 8 -1.65 34.69 18.55
N TYR B 9 -1.55 33.41 18.97
CA TYR B 9 -1.92 32.28 18.10
C TYR B 9 -2.08 30.91 18.83
N SER B 10 -2.58 29.96 18.05
CA SER B 10 -2.81 28.57 18.45
C SER B 10 -2.62 27.73 17.16
N ASP B 11 -1.87 26.63 17.26
CA ASP B 11 -1.62 25.74 16.11
C ASP B 11 -2.92 24.99 15.76
N ARG B 12 -4.03 25.68 16.06
CA ARG B 12 -5.42 25.26 15.85
C ARG B 12 -5.99 26.31 14.90
N VAL B 13 -5.66 27.57 15.23
CA VAL B 13 -6.06 28.75 14.44
C VAL B 13 -5.61 28.44 13.01
N ARG B 14 -6.22 29.09 12.00
CA ARG B 14 -5.84 28.84 10.60
C ARG B 14 -6.73 29.57 9.59
N SER B 15 -6.10 30.26 8.64
CA SER B 15 -6.84 31.01 7.61
C SER B 15 -6.30 30.75 6.18
N ILE B 16 -7.10 30.04 5.38
CA ILE B 16 -6.73 29.71 4.01
C ILE B 16 -7.61 30.44 2.99
N THR B 17 -6.99 31.09 2.00
CA THR B 17 -7.72 31.83 0.97
C THR B 17 -7.30 31.57 -0.47
N LEU B 18 -8.31 31.31 -1.30
CA LEU B 18 -8.10 31.03 -2.72
C LEU B 18 -9.26 31.62 -3.51
N GLY B 19 -9.03 32.70 -4.23
CA GLY B 19 -10.10 33.30 -5.02
C GLY B 19 -11.06 34.12 -4.17
N ASN B 20 -12.35 33.86 -4.30
CA ASN B 20 -13.34 34.58 -3.51
C ASN B 20 -13.65 33.79 -2.26
N SER B 21 -12.99 32.65 -2.08
CA SER B 21 -13.23 31.81 -0.91
C SER B 21 -12.18 31.91 0.18
N THR B 22 -12.60 31.72 1.44
CA THR B 22 -11.70 31.75 2.59
C THR B 22 -12.10 30.75 3.69
N ILE B 23 -11.12 30.03 4.21
CA ILE B 23 -11.34 29.03 5.24
C ILE B 23 -10.70 29.43 6.56
N THR B 24 -11.42 29.21 7.65
CA THR B 24 -10.90 29.51 8.97
C THR B 24 -10.92 28.23 9.81
N THR B 25 -9.90 28.06 10.63
CA THR B 25 -9.81 26.87 11.49
C THR B 25 -9.60 27.25 12.96
N GLN B 26 -10.66 27.13 13.78
CA GLN B 26 -10.53 27.43 15.22
C GLN B 26 -9.97 26.22 16.00
N GLU B 27 -9.96 25.05 15.35
CA GLU B 27 -9.43 23.83 15.95
C GLU B 27 -8.90 22.88 14.86
N CYS B 28 -7.57 22.75 14.82
CA CYS B 28 -6.91 21.89 13.85
C CYS B 28 -5.65 21.27 14.49
N ALA B 29 -5.02 20.38 13.71
CA ALA B 29 -3.76 19.76 14.13
C ALA B 29 -2.73 20.63 13.38
N ASN B 30 -2.45 20.22 12.14
CA ASN B 30 -1.54 20.91 11.23
C ASN B 30 -2.29 20.84 9.90
N VAL B 31 -1.53 20.66 8.82
CA VAL B 31 -2.12 20.55 7.51
C VAL B 31 -1.29 19.49 6.83
N VAL B 32 -1.88 18.34 6.52
CA VAL B 32 -1.12 17.32 5.84
C VAL B 32 -0.96 17.74 4.39
N VAL B 33 0.27 17.58 3.87
CA VAL B 33 0.56 17.96 2.49
C VAL B 33 0.95 16.75 1.66
N GLY B 34 0.06 16.35 0.76
CA GLY B 34 0.31 15.22 -0.12
C GLY B 34 1.43 14.33 0.35
N TYR B 35 2.37 14.02 -0.53
CA TYR B 35 3.47 13.17 -0.15
C TYR B 35 4.65 14.08 0.07
N GLY B 36 4.36 15.22 0.70
CA GLY B 36 5.38 16.20 0.96
C GLY B 36 5.47 17.12 -0.25
N VAL B 37 4.85 16.70 -1.34
CA VAL B 37 4.85 17.49 -2.57
C VAL B 37 3.73 18.48 -2.65
N TRP B 38 4.08 19.73 -2.86
CA TRP B 38 3.09 20.78 -2.97
C TRP B 38 2.76 20.97 -4.46
N PRO B 39 1.48 21.03 -4.82
CA PRO B 39 0.99 21.19 -6.20
C PRO B 39 1.60 22.36 -6.94
N ALA B 40 1.75 22.21 -8.25
CA ALA B 40 2.31 23.25 -9.13
C ALA B 40 2.13 22.94 -10.62
N TYR B 41 2.15 23.97 -11.46
CA TYR B 41 1.94 23.84 -12.90
C TYR B 41 2.96 22.95 -13.64
N LEU B 42 2.47 22.13 -14.55
CA LEU B 42 3.28 21.21 -15.35
C LEU B 42 4.40 21.88 -16.15
N LYS B 43 5.64 21.43 -15.94
CA LYS B 43 6.81 21.99 -16.64
C LYS B 43 6.93 21.56 -18.11
N ASP B 44 7.61 22.38 -18.91
CA ASP B 44 7.80 22.08 -20.33
C ASP B 44 8.58 20.77 -20.51
N GLU B 45 9.29 20.36 -19.45
CA GLU B 45 10.12 19.15 -19.50
C GLU B 45 9.34 17.87 -19.28
N GLU B 46 8.19 17.97 -18.63
CA GLU B 46 7.40 16.78 -18.35
C GLU B 46 6.15 16.68 -19.23
N ALA B 47 6.01 17.62 -20.17
CA ALA B 47 4.83 17.66 -21.04
C ALA B 47 4.90 16.92 -22.39
N THR B 48 3.71 16.57 -22.89
CA THR B 48 3.57 15.88 -24.17
C THR B 48 2.63 16.72 -25.05
N ALA B 49 1.50 17.14 -24.50
CA ALA B 49 0.56 17.96 -25.26
C ALA B 49 1.29 19.23 -25.67
N GLU B 50 1.36 19.47 -26.97
CA GLU B 50 2.06 20.63 -27.53
C GLU B 50 1.25 21.93 -27.60
N ASP B 51 -0.07 21.84 -27.48
CA ASP B 51 -0.93 23.02 -27.56
C ASP B 51 -0.81 23.82 -26.27
N GLN B 52 -1.06 25.13 -26.34
CA GLN B 52 -0.97 25.93 -25.13
C GLN B 52 -2.15 25.65 -24.22
N PRO B 53 -1.84 25.41 -22.94
CA PRO B 53 -2.87 25.12 -21.94
C PRO B 53 -3.58 26.37 -21.41
N THR B 54 -4.75 26.16 -20.80
CA THR B 54 -5.54 27.26 -20.22
C THR B 54 -5.34 27.18 -18.72
N GLN B 55 -5.15 28.33 -18.09
CA GLN B 55 -4.97 28.35 -16.64
C GLN B 55 -5.99 29.32 -16.07
N PRO B 56 -7.25 28.88 -15.94
CA PRO B 56 -8.37 29.67 -15.41
C PRO B 56 -7.99 30.49 -14.19
N ASP B 57 -7.26 29.85 -13.28
CA ASP B 57 -6.81 30.51 -12.06
C ASP B 57 -7.97 30.74 -11.09
N VAL B 58 -8.14 32.00 -10.69
CA VAL B 58 -9.18 32.38 -9.74
C VAL B 58 -10.55 31.81 -10.08
N ALA B 59 -10.89 31.83 -11.35
CA ALA B 59 -12.20 31.34 -11.79
C ALA B 59 -12.43 29.87 -11.50
N THR B 60 -11.34 29.11 -11.37
CA THR B 60 -11.50 27.69 -11.15
C THR B 60 -10.85 27.18 -9.86
N CYS B 61 -9.68 27.71 -9.54
CA CYS B 61 -8.97 27.32 -8.33
C CYS B 61 -9.54 28.09 -7.13
N ARG B 62 -10.69 27.63 -6.65
CA ARG B 62 -11.38 28.26 -5.52
C ARG B 62 -12.06 27.19 -4.67
N PHE B 63 -12.73 27.59 -3.61
CA PHE B 63 -13.37 26.62 -2.72
C PHE B 63 -14.82 26.26 -3.02
N TYR B 64 -15.03 25.04 -3.48
CA TYR B 64 -16.36 24.53 -3.78
C TYR B 64 -16.77 23.66 -2.59
N THR B 65 -17.97 23.89 -2.05
CA THR B 65 -18.46 23.14 -0.89
C THR B 65 -19.61 22.19 -1.22
N LEU B 66 -19.29 20.90 -1.31
CA LEU B 66 -20.25 19.84 -1.63
C LEU B 66 -21.42 19.75 -0.68
N GLU B 67 -22.37 18.89 -1.02
CA GLU B 67 -23.55 18.67 -0.19
C GLU B 67 -23.12 18.02 1.12
N SER B 68 -23.77 18.40 2.21
CA SER B 68 -23.45 17.86 3.52
C SER B 68 -24.00 16.47 3.72
N VAL B 69 -23.62 15.83 4.82
CA VAL B 69 -24.09 14.49 5.13
C VAL B 69 -24.26 14.43 6.65
N MET B 70 -25.23 13.64 7.11
CA MET B 70 -25.46 13.54 8.55
C MET B 70 -24.75 12.35 9.16
N TRP B 71 -24.01 12.58 10.23
CA TRP B 71 -23.30 11.51 10.91
C TRP B 71 -24.24 10.92 11.94
N GLN B 72 -24.21 9.59 12.06
CA GLN B 72 -25.07 8.92 13.01
C GLN B 72 -24.33 7.85 13.77
N GLN B 73 -24.98 7.35 14.80
CA GLN B 73 -24.37 6.32 15.63
C GLN B 73 -24.11 5.03 14.88
N GLY B 74 -24.67 4.91 13.69
CA GLY B 74 -24.47 3.69 12.90
C GLY B 74 -23.70 3.90 11.61
N SER B 75 -23.60 5.16 11.18
CA SER B 75 -22.90 5.51 9.95
C SER B 75 -21.60 4.74 9.79
N PRO B 76 -21.50 3.89 8.74
CA PRO B 76 -20.30 3.08 8.47
C PRO B 76 -19.20 3.94 7.86
N GLY B 77 -19.60 4.88 7.01
CA GLY B 77 -18.65 5.74 6.35
C GLY B 77 -19.18 6.31 5.06
N TRP B 78 -18.37 7.18 4.43
CA TRP B 78 -18.72 7.83 3.17
C TRP B 78 -17.48 7.94 2.31
N TRP B 79 -17.68 8.23 1.03
CA TRP B 79 -16.58 8.41 0.10
C TRP B 79 -17.05 9.23 -1.08
N TRP B 80 -16.13 9.92 -1.75
CA TRP B 80 -16.43 10.74 -2.91
C TRP B 80 -15.29 10.57 -3.91
N LYS B 81 -15.59 10.11 -5.12
CA LYS B 81 -14.54 9.96 -6.12
C LYS B 81 -14.19 11.40 -6.43
N PHE B 82 -12.99 11.69 -6.92
CA PHE B 82 -12.74 13.10 -7.13
C PHE B 82 -12.60 13.79 -8.45
N PRO B 83 -11.74 13.32 -9.36
CA PRO B 83 -11.71 14.09 -10.61
C PRO B 83 -13.14 14.58 -10.89
N ASP B 84 -14.09 13.66 -10.72
CA ASP B 84 -15.53 13.92 -10.86
C ASP B 84 -16.09 14.05 -9.47
N ALA B 85 -16.91 15.07 -9.24
CA ALA B 85 -17.54 15.34 -7.95
C ALA B 85 -17.64 16.83 -8.04
N LEU B 86 -16.72 17.37 -8.81
CA LEU B 86 -16.65 18.80 -9.07
C LEU B 86 -17.07 18.96 -10.52
N SER B 87 -17.53 17.85 -11.13
CA SER B 87 -17.96 17.89 -12.52
C SER B 87 -19.13 18.85 -12.71
N ASN B 88 -19.72 19.27 -11.60
CA ASN B 88 -20.86 20.18 -11.64
C ASN B 88 -20.64 21.48 -10.91
N MET B 89 -19.38 21.79 -10.60
CA MET B 89 -19.07 23.02 -9.89
C MET B 89 -18.54 24.16 -10.76
N GLY B 90 -19.38 25.18 -10.93
CA GLY B 90 -19.01 26.35 -11.70
C GLY B 90 -18.10 26.15 -12.89
N LEU B 91 -17.19 27.09 -13.07
CA LEU B 91 -16.29 27.03 -14.20
C LEU B 91 -15.28 25.91 -14.11
N PHE B 92 -15.23 25.23 -13.00
CA PHE B 92 -14.29 24.13 -12.96
C PHE B 92 -14.94 23.07 -13.84
N GLY B 93 -16.12 22.62 -13.43
CA GLY B 93 -16.83 21.60 -14.15
C GLY B 93 -16.93 21.89 -15.63
N GLN B 94 -16.97 23.17 -15.96
CA GLN B 94 -17.07 23.59 -17.36
C GLN B 94 -15.80 23.31 -18.13
N ASN B 95 -14.69 23.90 -17.69
CA ASN B 95 -13.41 23.70 -18.33
C ASN B 95 -13.20 22.19 -18.42
N MET B 96 -13.85 21.49 -17.50
CA MET B 96 -13.76 20.06 -17.43
C MET B 96 -14.54 19.35 -18.52
N GLN B 97 -15.56 20.01 -19.04
CA GLN B 97 -16.39 19.42 -20.08
C GLN B 97 -15.92 19.74 -21.48
N TYR B 98 -15.30 20.91 -21.63
CA TYR B 98 -14.81 21.37 -22.92
C TYR B 98 -13.42 20.90 -23.28
N HIS B 99 -12.73 20.27 -22.35
CA HIS B 99 -11.38 19.80 -22.61
C HIS B 99 -11.17 18.30 -22.54
N TYR B 100 -10.25 17.81 -23.35
CA TYR B 100 -9.91 16.39 -23.39
C TYR B 100 -8.96 16.09 -22.24
N LEU B 101 -8.03 17.00 -22.00
CA LEU B 101 -7.04 16.82 -20.94
C LEU B 101 -7.08 17.88 -19.85
N GLY B 102 -6.68 17.47 -18.65
CA GLY B 102 -6.64 18.38 -17.52
C GLY B 102 -5.85 17.79 -16.37
N ARG B 103 -5.29 18.66 -15.53
CA ARG B 103 -4.52 18.21 -14.37
C ARG B 103 -4.67 19.26 -13.29
N ALA B 104 -4.73 18.83 -12.03
CA ALA B 104 -4.87 19.79 -10.95
C ALA B 104 -4.64 19.19 -9.58
N GLY B 105 -4.30 20.06 -8.64
CA GLY B 105 -4.07 19.67 -7.27
C GLY B 105 -5.30 20.06 -6.49
N TYR B 106 -5.31 19.81 -5.19
CA TYR B 106 -6.47 20.14 -4.38
C TYR B 106 -6.16 20.42 -2.93
N THR B 107 -7.08 21.14 -2.30
CA THR B 107 -6.99 21.46 -0.89
C THR B 107 -8.32 20.96 -0.34
N ILE B 108 -8.28 19.80 0.31
CA ILE B 108 -9.49 19.21 0.86
C ILE B 108 -9.64 19.59 2.32
N HIS B 109 -10.85 20.02 2.67
CA HIS B 109 -11.13 20.46 4.03
C HIS B 109 -12.44 19.86 4.54
N VAL B 110 -12.34 18.83 5.38
CA VAL B 110 -13.51 18.19 5.94
C VAL B 110 -13.82 18.85 7.27
N GLN B 111 -15.07 19.27 7.44
CA GLN B 111 -15.49 19.96 8.65
C GLN B 111 -16.65 19.28 9.35
N CYS B 112 -16.51 19.12 10.67
CA CYS B 112 -17.54 18.48 11.48
C CYS B 112 -17.38 19.00 12.90
N ASN B 113 -18.46 19.41 13.54
CA ASN B 113 -18.32 19.90 14.90
C ASN B 113 -19.40 19.42 15.86
N ALA B 114 -18.97 19.10 17.09
CA ALA B 114 -19.86 18.64 18.15
C ALA B 114 -19.55 19.48 19.39
N SER B 115 -20.06 19.07 20.53
CA SER B 115 -19.80 19.81 21.76
C SER B 115 -18.79 19.06 22.59
N LYS B 116 -18.38 19.66 23.70
CA LYS B 116 -17.43 19.03 24.60
C LYS B 116 -18.01 17.75 25.19
N PHE B 117 -19.31 17.57 25.03
CA PHE B 117 -19.97 16.40 25.58
C PHE B 117 -20.21 15.30 24.56
N HIS B 118 -19.93 15.58 23.29
CA HIS B 118 -20.08 14.57 22.27
C HIS B 118 -18.73 13.87 22.15
N GLN B 119 -18.72 12.69 21.53
CA GLN B 119 -17.47 11.96 21.32
C GLN B 119 -17.57 11.08 20.10
N GLY B 120 -16.45 10.94 19.40
CA GLY B 120 -16.41 10.12 18.21
C GLY B 120 -15.13 10.43 17.46
N CYS B 121 -14.81 9.63 16.46
CA CYS B 121 -13.58 9.87 15.71
C CYS B 121 -13.63 9.41 14.26
N LEU B 122 -13.33 10.35 13.35
CA LEU B 122 -13.34 10.09 11.92
C LEU B 122 -11.95 10.01 11.31
N LEU B 123 -11.82 9.23 10.25
CA LEU B 123 -10.56 9.11 9.53
C LEU B 123 -10.79 9.78 8.18
N VAL B 124 -9.98 10.76 7.85
CA VAL B 124 -10.14 11.46 6.57
C VAL B 124 -8.92 11.16 5.71
N VAL B 125 -9.14 10.42 4.62
CA VAL B 125 -8.05 10.04 3.73
C VAL B 125 -8.26 10.35 2.26
N CYS B 126 -7.16 10.34 1.52
CA CYS B 126 -7.21 10.58 0.10
C CYS B 126 -6.53 9.43 -0.61
N VAL B 127 -7.33 8.48 -1.05
CA VAL B 127 -6.81 7.31 -1.73
C VAL B 127 -6.64 7.52 -3.21
N PRO B 128 -5.40 7.65 -3.68
CA PRO B 128 -5.25 7.83 -5.11
C PRO B 128 -5.43 6.51 -5.82
N GLU B 129 -6.15 6.53 -6.94
CA GLU B 129 -6.38 5.33 -7.71
C GLU B 129 -7.10 4.31 -6.85
N ALA B 130 -8.28 4.69 -6.35
CA ALA B 130 -9.05 3.80 -5.50
C ALA B 130 -9.99 2.93 -6.31
N GLU B 131 -9.45 1.93 -6.97
CA GLU B 131 -10.25 1.02 -7.79
C GLU B 131 -11.05 0.18 -6.81
N MET B 132 -12.33 -0.02 -7.09
CA MET B 132 -13.16 -0.79 -6.18
C MET B 132 -13.71 -2.05 -6.80
N GLY B 133 -14.03 -3.01 -5.96
CA GLY B 133 -14.56 -4.26 -6.46
C GLY B 133 -16.07 -4.28 -6.54
N CYS B 134 -16.61 -5.28 -7.21
CA CYS B 134 -18.05 -5.41 -7.36
C CYS B 134 -18.63 -6.33 -6.30
N ALA B 135 -19.89 -6.10 -5.95
CA ALA B 135 -20.55 -6.91 -4.94
C ALA B 135 -20.70 -8.32 -5.48
N THR B 136 -20.83 -8.43 -6.80
CA THR B 136 -20.99 -9.72 -7.46
C THR B 136 -19.76 -10.10 -8.29
N LEU B 137 -19.00 -11.08 -7.80
CA LEU B 137 -17.77 -11.55 -8.43
C LEU B 137 -17.71 -11.54 -9.95
N ALA B 138 -18.77 -12.01 -10.59
CA ALA B 138 -18.78 -12.08 -12.03
C ALA B 138 -18.90 -10.75 -12.79
N ASN B 139 -19.42 -9.70 -12.17
CA ASN B 139 -19.60 -8.44 -12.90
C ASN B 139 -18.69 -7.31 -12.51
N LYS B 140 -18.97 -6.16 -13.12
CA LYS B 140 -18.24 -4.94 -12.86
C LYS B 140 -19.29 -3.97 -12.33
N PRO B 141 -18.95 -3.23 -11.27
CA PRO B 141 -19.86 -2.26 -10.66
C PRO B 141 -20.20 -1.11 -11.60
N ASP B 142 -21.48 -0.84 -11.76
CA ASP B 142 -21.91 0.24 -12.66
C ASP B 142 -21.49 1.61 -12.14
N PRO B 143 -21.29 2.58 -13.05
CA PRO B 143 -20.87 3.95 -12.73
C PRO B 143 -21.60 4.61 -11.56
N LYS B 144 -22.92 4.56 -11.57
CA LYS B 144 -23.69 5.17 -10.50
C LYS B 144 -23.30 4.64 -9.14
N SER B 145 -22.90 3.37 -9.09
CA SER B 145 -22.50 2.79 -7.81
C SER B 145 -21.12 3.29 -7.41
N LEU B 146 -20.30 3.64 -8.40
CA LEU B 146 -18.97 4.10 -8.09
C LEU B 146 -18.92 5.52 -7.54
N SER B 147 -19.58 6.44 -8.23
CA SER B 147 -19.62 7.85 -7.80
C SER B 147 -20.93 8.52 -8.14
N LYS B 148 -21.36 9.41 -7.27
CA LYS B 148 -22.59 10.15 -7.52
C LYS B 148 -22.29 11.64 -7.41
N GLY B 149 -21.22 12.05 -8.07
CA GLY B 149 -20.84 13.45 -8.07
C GLY B 149 -20.69 14.02 -6.69
N GLU B 150 -21.42 15.10 -6.42
CA GLU B 150 -21.33 15.74 -5.11
C GLU B 150 -22.04 14.94 -4.02
N ILE B 151 -22.86 13.98 -4.43
CA ILE B 151 -23.58 13.18 -3.45
C ILE B 151 -22.69 12.08 -2.94
N ALA B 152 -22.44 12.09 -1.64
CA ALA B 152 -21.59 11.08 -1.05
C ALA B 152 -22.14 9.68 -1.24
N SER B 153 -21.24 8.71 -1.34
CA SER B 153 -21.63 7.32 -1.45
C SER B 153 -21.37 6.74 -0.07
N THR B 154 -22.01 5.62 0.22
CA THR B 154 -21.88 5.03 1.53
C THR B 154 -21.32 3.63 1.65
N PHE B 155 -20.55 3.43 2.71
CA PHE B 155 -19.97 2.13 2.99
C PHE B 155 -21.06 1.44 3.82
N GLU B 156 -20.89 0.16 4.10
CA GLU B 156 -21.88 -0.56 4.89
C GLU B 156 -21.23 -1.31 6.03
N SER B 157 -22.03 -1.62 7.03
CA SER B 157 -21.54 -2.36 8.18
C SER B 157 -21.85 -3.84 7.95
N GLN B 158 -21.68 -4.28 6.71
CA GLN B 158 -21.94 -5.68 6.33
C GLN B 158 -21.68 -5.86 4.85
N ASN B 159 -21.95 -7.07 4.35
CA ASN B 159 -21.74 -7.36 2.95
C ASN B 159 -22.79 -6.69 2.07
N SER B 160 -22.34 -6.16 0.93
CA SER B 160 -23.24 -5.52 -0.01
C SER B 160 -23.89 -6.59 -0.84
N THR B 161 -24.93 -6.25 -1.60
CA THR B 161 -25.60 -7.27 -2.38
C THR B 161 -25.79 -7.16 -3.88
N GLY B 162 -25.62 -8.31 -4.49
CA GLY B 162 -25.76 -8.54 -5.93
C GLY B 162 -25.71 -7.48 -7.02
N GLU B 163 -26.08 -7.97 -8.21
CA GLU B 163 -26.14 -7.20 -9.43
C GLU B 163 -24.87 -6.44 -9.76
N THR B 164 -24.93 -5.12 -9.64
CA THR B 164 -23.80 -4.29 -10.00
C THR B 164 -23.33 -3.28 -8.95
N ALA B 165 -23.65 -3.52 -7.70
CA ALA B 165 -23.25 -2.58 -6.67
C ALA B 165 -21.81 -2.83 -6.27
N VAL B 166 -21.28 -1.95 -5.44
CA VAL B 166 -19.92 -2.07 -4.97
C VAL B 166 -19.92 -2.84 -3.65
N GLN B 167 -18.87 -3.63 -3.43
CA GLN B 167 -18.76 -4.38 -2.20
C GLN B 167 -18.37 -3.38 -1.11
N ALA B 168 -19.37 -2.62 -0.68
CA ALA B 168 -19.21 -1.57 0.31
C ALA B 168 -18.90 -1.93 1.75
N ASN B 169 -18.78 -3.21 2.09
CA ASN B 169 -18.50 -3.53 3.49
C ASN B 169 -17.27 -2.73 3.91
N VAL B 170 -17.43 -1.92 4.95
CA VAL B 170 -16.37 -1.06 5.41
C VAL B 170 -15.04 -1.70 5.75
N ILE B 171 -15.05 -2.82 6.46
CA ILE B 171 -13.78 -3.44 6.83
C ILE B 171 -12.76 -3.53 5.70
N ASN B 172 -13.22 -3.54 4.44
CA ASN B 172 -12.28 -3.63 3.34
C ASN B 172 -12.22 -2.42 2.42
N ALA B 173 -12.92 -1.34 2.80
CA ALA B 173 -12.93 -0.11 2.02
C ALA B 173 -13.28 -0.37 0.56
N GLY B 174 -13.93 -1.51 0.31
CA GLY B 174 -14.32 -1.88 -1.05
C GLY B 174 -13.14 -2.05 -1.99
N MET B 175 -11.96 -2.29 -1.43
CA MET B 175 -10.75 -2.47 -2.22
C MET B 175 -10.03 -3.76 -1.87
N GLY B 176 -10.62 -4.55 -0.99
CA GLY B 176 -10.01 -5.81 -0.61
C GLY B 176 -8.79 -5.69 0.27
N VAL B 177 -8.72 -4.63 1.06
CA VAL B 177 -7.59 -4.42 1.97
C VAL B 177 -8.11 -4.31 3.40
N GLY B 178 -7.20 -4.07 4.34
CA GLY B 178 -7.61 -3.92 5.72
C GLY B 178 -7.87 -2.45 5.99
N VAL B 179 -9.14 -2.10 6.17
CA VAL B 179 -9.53 -0.72 6.41
C VAL B 179 -8.61 0.05 7.36
N GLY B 180 -8.08 -0.64 8.37
CA GLY B 180 -7.20 0.01 9.33
C GLY B 180 -5.82 0.36 8.81
N ASN B 181 -5.55 0.10 7.55
CA ASN B 181 -4.25 0.42 6.97
C ASN B 181 -4.29 1.59 6.00
N LEU B 182 -5.48 2.13 5.76
CA LEU B 182 -5.59 3.25 4.85
C LEU B 182 -4.64 4.36 5.22
N THR B 183 -4.13 4.33 6.44
CA THR B 183 -3.24 5.37 6.89
C THR B 183 -1.94 5.56 6.13
N ILE B 184 -1.73 4.87 5.02
CA ILE B 184 -0.49 5.08 4.27
C ILE B 184 -0.71 6.26 3.34
N PHE B 185 -1.96 6.45 2.97
CA PHE B 185 -2.31 7.55 2.09
C PHE B 185 -2.44 8.81 2.92
N PRO B 186 -2.40 9.99 2.27
CA PRO B 186 -2.51 11.26 2.99
C PRO B 186 -3.78 11.27 3.86
N HIS B 187 -3.64 11.64 5.14
CA HIS B 187 -4.81 11.64 6.03
C HIS B 187 -4.63 12.42 7.32
N GLN B 188 -5.77 12.69 7.95
CA GLN B 188 -5.84 13.37 9.24
C GLN B 188 -7.02 12.76 9.95
N TRP B 189 -7.05 12.89 11.27
CA TRP B 189 -8.14 12.34 12.05
C TRP B 189 -8.94 13.49 12.64
N ILE B 190 -10.26 13.31 12.70
CA ILE B 190 -11.13 14.31 13.31
C ILE B 190 -11.66 13.60 14.55
N ASN B 191 -11.06 13.95 15.68
CA ASN B 191 -11.39 13.39 16.97
C ASN B 191 -12.18 14.48 17.70
N LEU B 192 -13.51 14.41 17.60
CA LEU B 192 -14.38 15.40 18.22
C LEU B 192 -13.81 16.01 19.49
N ARG B 193 -13.28 15.16 20.34
CA ARG B 193 -12.71 15.58 21.61
C ARG B 193 -11.64 16.67 21.50
N THR B 194 -10.84 16.64 20.44
CA THR B 194 -9.78 17.64 20.26
C THR B 194 -9.80 18.32 18.90
N ASN B 195 -10.58 17.77 17.98
CA ASN B 195 -10.65 18.34 16.63
C ASN B 195 -11.88 19.13 16.25
N ASN B 196 -11.93 19.51 14.99
CA ASN B 196 -13.00 20.35 14.49
C ASN B 196 -13.02 20.24 12.97
N SER B 197 -11.84 20.11 12.39
CA SER B 197 -11.71 20.03 10.95
C SER B 197 -10.43 19.30 10.60
N ALA B 198 -10.35 18.85 9.35
CA ALA B 198 -9.17 18.17 8.84
C ALA B 198 -8.81 18.78 7.49
N THR B 199 -7.54 18.98 7.23
CA THR B 199 -7.15 19.59 5.97
C THR B 199 -5.96 18.95 5.28
N ILE B 200 -6.19 18.51 4.05
CA ILE B 200 -5.17 17.86 3.25
C ILE B 200 -4.90 18.65 1.98
N VAL B 201 -3.69 18.54 1.47
CA VAL B 201 -3.29 19.22 0.24
C VAL B 201 -2.80 18.20 -0.75
N MET B 202 -3.71 17.62 -1.52
CA MET B 202 -3.33 16.62 -2.50
C MET B 202 -2.78 17.21 -3.77
N PRO B 203 -1.57 16.80 -4.16
CA PRO B 203 -0.96 17.30 -5.39
C PRO B 203 -1.39 16.38 -6.53
N TYR B 204 -1.17 16.79 -7.77
CA TYR B 204 -1.56 15.93 -8.88
C TYR B 204 -0.72 14.65 -8.82
N ILE B 205 -1.39 13.51 -8.76
CA ILE B 205 -0.69 12.24 -8.69
C ILE B 205 -1.22 11.27 -9.73
N ASN B 206 -0.37 10.94 -10.70
CA ASN B 206 -0.76 10.04 -11.77
C ASN B 206 0.44 9.59 -12.58
N SER B 207 0.30 8.50 -13.32
CA SER B 207 1.39 7.97 -14.13
C SER B 207 1.53 8.68 -15.47
N VAL B 208 0.79 9.79 -15.63
CA VAL B 208 0.84 10.58 -16.86
C VAL B 208 0.67 12.07 -16.54
N PRO B 209 1.39 12.93 -17.27
CA PRO B 209 1.33 14.38 -17.06
C PRO B 209 -0.08 14.98 -17.00
N MET B 210 -1.01 14.39 -17.74
CA MET B 210 -2.39 14.88 -17.75
C MET B 210 -3.34 13.75 -18.09
N ASP B 211 -4.61 13.93 -17.80
CA ASP B 211 -5.57 12.89 -18.10
C ASP B 211 -6.94 13.47 -18.35
N ASN B 212 -7.84 12.64 -18.86
CA ASN B 212 -9.20 13.06 -19.09
C ASN B 212 -9.81 13.14 -17.72
N MET B 213 -10.87 13.91 -17.54
CA MET B 213 -11.43 14.02 -16.22
C MET B 213 -12.74 13.27 -15.99
N PHE B 214 -13.38 12.82 -17.06
CA PHE B 214 -14.64 12.10 -16.89
C PHE B 214 -14.44 10.59 -16.99
N ARG B 215 -13.30 10.20 -17.52
CA ARG B 215 -12.98 8.81 -17.73
C ARG B 215 -12.14 8.24 -16.61
N HIS B 216 -11.51 9.12 -15.83
CA HIS B 216 -10.60 8.68 -14.77
C HIS B 216 -10.68 9.45 -13.45
N ASN B 217 -10.84 8.74 -12.34
CA ASN B 217 -10.89 9.38 -11.03
C ASN B 217 -9.57 9.12 -10.31
N ASN B 218 -8.64 10.06 -10.43
CA ASN B 218 -7.32 9.88 -9.83
C ASN B 218 -7.23 9.81 -8.33
N PHE B 219 -8.35 9.71 -7.62
CA PHE B 219 -8.32 9.58 -6.16
C PHE B 219 -9.67 9.73 -5.52
N THR B 220 -9.84 9.07 -4.38
CA THR B 220 -11.11 9.08 -3.69
C THR B 220 -10.95 9.52 -2.25
N LEU B 221 -11.84 10.40 -1.81
CA LEU B 221 -11.81 10.86 -0.42
C LEU B 221 -12.71 9.90 0.34
N MET B 222 -12.26 9.47 1.51
CA MET B 222 -13.07 8.59 2.34
C MET B 222 -13.13 9.14 3.74
N VAL B 223 -14.31 9.08 4.34
CA VAL B 223 -14.48 9.56 5.70
C VAL B 223 -15.15 8.42 6.44
N ILE B 224 -14.35 7.68 7.19
CA ILE B 224 -14.84 6.53 7.93
C ILE B 224 -14.70 6.72 9.41
N PRO B 225 -15.78 6.45 10.17
CA PRO B 225 -15.67 6.62 11.62
C PRO B 225 -15.18 5.34 12.32
N PHE B 226 -14.06 5.43 13.02
CA PHE B 226 -13.51 4.29 13.76
C PHE B 226 -14.05 4.33 15.19
N ALA B 227 -14.30 5.54 15.69
CA ALA B 227 -14.86 5.71 17.02
C ALA B 227 -16.25 6.25 16.80
N PRO B 228 -17.26 5.38 16.91
CA PRO B 228 -18.69 5.70 16.72
C PRO B 228 -19.14 6.92 17.49
N LEU B 229 -19.98 7.75 16.87
CA LEU B 229 -20.47 8.95 17.52
C LEU B 229 -21.40 8.58 18.68
N SER B 230 -21.36 9.33 19.76
CA SER B 230 -22.23 9.08 20.89
C SER B 230 -22.43 10.34 21.70
N TYR B 231 -23.47 10.35 22.50
CA TYR B 231 -23.80 11.51 23.32
C TYR B 231 -24.91 11.09 24.25
N SER B 232 -25.05 11.79 25.36
CA SER B 232 -26.11 11.48 26.32
C SER B 232 -27.41 12.14 25.88
N ALA B 233 -28.52 11.65 26.41
CA ALA B 233 -29.82 12.19 26.06
C ALA B 233 -29.89 13.67 26.39
N GLY B 234 -30.45 14.45 25.46
CA GLY B 234 -30.56 15.86 25.68
C GLY B 234 -29.58 16.62 24.81
N ALA B 235 -28.49 15.96 24.47
CA ALA B 235 -27.48 16.58 23.63
C ALA B 235 -28.05 16.74 22.24
N THR B 236 -27.53 17.68 21.47
CA THR B 236 -28.01 17.91 20.12
C THR B 236 -27.77 16.59 19.40
N THR B 237 -28.77 16.14 18.65
CA THR B 237 -28.73 14.88 17.98
C THR B 237 -28.24 14.85 16.53
N TYR B 238 -28.31 16.00 15.85
CA TYR B 238 -27.89 16.11 14.45
C TYR B 238 -26.48 16.63 14.25
N VAL B 239 -25.57 15.75 13.90
CA VAL B 239 -24.21 16.18 13.70
C VAL B 239 -23.79 15.99 12.27
N PRO B 240 -23.77 17.09 11.50
CA PRO B 240 -23.39 17.00 10.09
C PRO B 240 -21.89 17.08 9.82
N ILE B 241 -21.52 16.59 8.64
CA ILE B 241 -20.15 16.59 8.15
C ILE B 241 -20.23 17.32 6.81
N THR B 242 -19.28 18.20 6.54
CA THR B 242 -19.29 18.96 5.30
C THR B 242 -17.92 18.99 4.64
N VAL B 243 -17.89 18.62 3.37
CA VAL B 243 -16.66 18.59 2.62
C VAL B 243 -16.52 19.81 1.73
N THR B 244 -15.36 20.45 1.79
CA THR B 244 -15.10 21.62 0.97
C THR B 244 -13.77 21.41 0.27
N VAL B 245 -13.76 21.47 -1.06
CA VAL B 245 -12.55 21.25 -1.82
C VAL B 245 -12.23 22.38 -2.76
N ALA B 246 -10.94 22.61 -2.99
CA ALA B 246 -10.50 23.67 -3.89
C ALA B 246 -9.39 23.26 -4.84
N PRO B 247 -9.68 23.27 -6.14
CA PRO B 247 -8.74 22.93 -7.21
C PRO B 247 -7.53 23.84 -7.13
N MET B 248 -6.34 23.31 -7.36
CA MET B 248 -5.13 24.11 -7.31
C MET B 248 -4.23 23.91 -8.50
N CYS B 249 -3.97 24.98 -9.25
CA CYS B 249 -3.11 24.92 -10.44
C CYS B 249 -3.72 24.04 -11.50
N ALA B 250 -4.96 24.32 -11.87
CA ALA B 250 -5.62 23.54 -12.89
C ALA B 250 -5.26 24.01 -14.30
N GLU B 251 -4.78 23.08 -15.13
CA GLU B 251 -4.41 23.35 -16.51
C GLU B 251 -5.33 22.51 -17.36
N TYR B 252 -5.57 22.93 -18.59
CA TYR B 252 -6.44 22.17 -19.46
C TYR B 252 -5.86 22.17 -20.84
N ASN B 253 -6.09 21.11 -21.59
CA ASN B 253 -5.58 21.02 -22.96
C ASN B 253 -6.59 20.35 -23.86
N GLY B 254 -6.38 20.48 -25.17
CA GLY B 254 -7.27 19.87 -26.13
C GLY B 254 -8.70 20.35 -26.03
N LEU B 255 -8.91 21.59 -26.46
CA LEU B 255 -10.23 22.22 -26.43
C LEU B 255 -11.09 21.73 -27.60
N ARG B 256 -12.40 21.67 -27.39
CA ARG B 256 -13.34 21.22 -28.43
C ARG B 256 -14.76 21.45 -27.94
N LEU B 257 -15.73 20.79 -28.57
CA LEU B 257 -17.12 20.93 -28.14
C LEU B 257 -17.20 20.30 -26.77
N ALA B 258 -18.34 20.40 -26.10
CA ALA B 258 -18.42 19.82 -24.76
C ALA B 258 -19.29 18.58 -24.60
N GLY B 259 -19.06 17.85 -23.51
CA GLY B 259 -19.83 16.64 -23.22
C GLY B 259 -19.06 15.50 -22.53
N LYS B 260 -19.08 14.32 -23.17
CA LYS B 260 -18.40 13.10 -22.71
C LYS B 260 -18.91 11.90 -23.53
N GLN B 261 -18.31 11.71 -24.71
CA GLN B 261 -18.65 10.65 -25.69
C GLN B 261 -20.17 10.46 -25.87
N GLY C 1 40.90 -20.65 -29.67
CA GLY C 1 40.00 -20.69 -28.54
C GLY C 1 40.69 -20.58 -27.18
N LEU C 2 40.28 -19.61 -26.37
CA LEU C 2 40.86 -19.44 -25.04
C LEU C 2 40.37 -20.55 -24.12
N PRO C 3 41.30 -21.40 -23.63
CA PRO C 3 41.02 -22.53 -22.73
C PRO C 3 40.09 -22.18 -21.56
N THR C 4 39.01 -22.95 -21.47
CA THR C 4 37.96 -22.75 -20.47
C THR C 4 37.57 -23.99 -19.67
N LEU C 5 37.38 -23.80 -18.37
CA LEU C 5 36.98 -24.90 -17.49
C LEU C 5 35.70 -24.51 -16.77
N ALA C 6 34.58 -25.09 -17.17
CA ALA C 6 33.30 -24.78 -16.54
C ALA C 6 33.21 -25.35 -15.14
N THR C 7 32.65 -24.56 -14.23
CA THR C 7 32.50 -24.92 -12.82
C THR C 7 31.06 -25.24 -12.46
N PRO C 8 30.87 -26.04 -11.39
CA PRO C 8 29.52 -26.39 -10.98
C PRO C 8 28.64 -25.15 -10.84
N GLY C 9 27.37 -25.31 -11.21
CA GLY C 9 26.41 -24.23 -11.16
C GLY C 9 26.09 -23.75 -12.56
N SER C 10 26.77 -24.34 -13.53
CA SER C 10 26.56 -23.96 -14.92
C SER C 10 25.23 -24.44 -15.46
N ASN C 11 24.63 -23.65 -16.34
CA ASN C 11 23.35 -23.97 -16.99
C ASN C 11 22.25 -24.15 -15.96
N GLN C 12 22.52 -23.59 -14.79
CA GLN C 12 21.63 -23.67 -13.66
C GLN C 12 20.73 -22.44 -13.67
N PHE C 13 19.56 -22.55 -13.07
CA PHE C 13 18.66 -21.43 -12.99
C PHE C 13 18.37 -21.12 -11.52
N LEU C 14 18.94 -20.04 -11.03
CA LEU C 14 18.75 -19.63 -9.66
C LEU C 14 17.82 -18.44 -9.58
N THR C 15 16.63 -18.64 -9.03
CA THR C 15 15.64 -17.58 -8.90
C THR C 15 16.25 -16.24 -8.58
N SER C 16 17.12 -16.23 -7.59
CA SER C 16 17.76 -15.01 -7.15
C SER C 16 19.14 -14.72 -7.73
N ASP C 17 19.37 -15.14 -8.97
CA ASP C 17 20.66 -14.87 -9.61
C ASP C 17 20.73 -13.38 -9.90
N ASP C 18 21.64 -12.99 -10.79
CA ASP C 18 21.79 -11.59 -11.13
C ASP C 18 22.93 -11.41 -12.11
N PHE C 19 22.65 -11.75 -13.38
CA PHE C 19 23.62 -11.64 -14.46
C PHE C 19 23.04 -10.75 -15.56
N GLN C 20 23.88 -10.36 -16.51
CA GLN C 20 23.42 -9.56 -17.63
C GLN C 20 22.74 -10.56 -18.58
N SER C 21 21.95 -10.06 -19.51
CA SER C 21 21.28 -10.92 -20.49
C SER C 21 20.93 -10.10 -21.73
N PRO C 22 20.91 -10.76 -22.90
CA PRO C 22 20.60 -10.07 -24.15
C PRO C 22 19.22 -9.43 -24.19
N SER C 23 19.14 -8.24 -24.79
CA SER C 23 17.89 -7.52 -24.90
C SER C 23 17.09 -8.02 -26.09
N ALA C 24 15.83 -8.36 -25.86
CA ALA C 24 15.00 -8.85 -26.95
C ALA C 24 14.56 -7.69 -27.81
N MET C 25 14.67 -6.47 -27.29
CA MET C 25 14.28 -5.27 -28.01
C MET C 25 15.42 -4.25 -28.00
N PRO C 26 16.26 -4.27 -29.05
CA PRO C 26 17.42 -3.40 -29.26
C PRO C 26 17.10 -1.95 -29.52
N GLN C 27 17.96 -1.08 -29.00
CA GLN C 27 17.83 0.37 -29.14
C GLN C 27 16.44 0.91 -28.83
N PHE C 28 15.66 0.18 -28.05
CA PHE C 28 14.32 0.64 -27.70
C PHE C 28 14.42 1.99 -26.99
N ASP C 29 13.59 2.92 -27.40
CA ASP C 29 13.61 4.24 -26.76
C ASP C 29 12.54 4.27 -25.70
N VAL C 30 12.96 4.15 -24.45
CA VAL C 30 12.03 4.15 -23.33
C VAL C 30 11.36 5.52 -23.17
N THR C 31 10.14 5.51 -22.63
CA THR C 31 9.42 6.75 -22.41
C THR C 31 10.08 7.51 -21.25
N PRO C 32 10.38 8.81 -21.44
CA PRO C 32 11.04 9.61 -20.41
C PRO C 32 10.40 9.50 -19.05
N GLU C 33 11.24 9.61 -18.02
CA GLU C 33 10.80 9.51 -16.64
C GLU C 33 10.12 10.78 -16.16
N MET C 34 9.04 10.63 -15.41
CA MET C 34 8.33 11.78 -14.88
C MET C 34 8.62 11.84 -13.40
N ASP C 35 8.02 12.79 -12.71
CA ASP C 35 8.30 12.91 -11.29
C ASP C 35 7.08 12.67 -10.39
N ILE C 36 6.59 11.45 -10.39
CA ILE C 36 5.44 11.12 -9.57
C ILE C 36 5.75 11.36 -8.09
N PRO C 37 4.78 11.89 -7.34
CA PRO C 37 4.97 12.17 -5.91
C PRO C 37 5.01 10.90 -5.09
N GLY C 38 5.51 11.00 -3.86
CA GLY C 38 5.56 9.85 -2.98
C GLY C 38 6.29 8.61 -3.46
N GLN C 39 7.54 8.76 -3.85
CA GLN C 39 8.33 7.62 -4.28
C GLN C 39 8.88 6.88 -3.06
N VAL C 40 8.92 5.55 -3.16
CA VAL C 40 9.43 4.71 -2.09
C VAL C 40 10.78 4.17 -2.52
N ASN C 41 11.72 4.07 -1.57
CA ASN C 41 13.06 3.57 -1.89
C ASN C 41 13.33 2.27 -1.15
N ASN C 42 12.70 2.12 0.00
CA ASN C 42 12.88 0.93 0.83
C ASN C 42 11.61 0.59 1.60
N LEU C 43 11.29 -0.71 1.68
CA LEU C 43 10.09 -1.16 2.38
C LEU C 43 9.96 -0.69 3.82
N MET C 44 11.04 -0.14 4.35
CA MET C 44 11.03 0.33 5.72
C MET C 44 10.29 1.66 5.84
N GLU C 45 10.46 2.52 4.84
CA GLU C 45 9.77 3.80 4.85
C GLU C 45 8.28 3.51 5.04
N ILE C 46 7.87 2.29 4.72
CA ILE C 46 6.47 1.88 4.87
C ILE C 46 6.21 1.59 6.33
N ALA C 47 6.96 0.62 6.86
CA ALA C 47 6.82 0.19 8.24
C ALA C 47 7.07 1.28 9.30
N GLU C 48 7.53 2.45 8.89
CA GLU C 48 7.77 3.52 9.85
C GLU C 48 6.48 4.35 9.97
N VAL C 49 5.50 3.93 9.20
CA VAL C 49 4.19 4.57 9.15
C VAL C 49 3.24 3.90 10.12
N ASP C 50 2.36 4.70 10.73
CA ASP C 50 1.41 4.13 11.67
C ASP C 50 0.17 3.56 11.00
N SER C 51 -0.36 2.49 11.59
CA SER C 51 -1.56 1.83 11.10
C SER C 51 -2.32 1.41 12.34
N VAL C 52 -3.64 1.32 12.25
CA VAL C 52 -4.44 0.95 13.42
C VAL C 52 -4.32 -0.54 13.71
N VAL C 53 -4.16 -0.88 14.99
CA VAL C 53 -4.05 -2.28 15.40
C VAL C 53 -5.37 -2.82 15.89
N PRO C 54 -5.81 -3.96 15.35
CA PRO C 54 -7.08 -4.56 15.75
C PRO C 54 -6.94 -5.25 17.10
N VAL C 55 -6.61 -4.49 18.14
CA VAL C 55 -6.43 -5.03 19.49
C VAL C 55 -7.64 -5.76 20.05
N ASN C 56 -8.82 -5.28 19.72
CA ASN C 56 -10.02 -5.92 20.23
C ASN C 56 -10.58 -6.90 19.21
N ASN C 57 -9.69 -7.72 18.67
CA ASN C 57 -10.05 -8.75 17.68
C ASN C 57 -10.67 -9.88 18.47
N THR C 58 -11.74 -9.54 19.18
CA THR C 58 -12.39 -10.50 20.03
C THR C 58 -13.83 -10.85 19.66
N GLU C 59 -14.22 -12.07 20.00
CA GLU C 59 -15.55 -12.60 19.72
C GLU C 59 -16.34 -12.02 18.55
N GLY C 60 -15.92 -12.41 17.35
CA GLY C 60 -16.58 -11.99 16.12
C GLY C 60 -16.29 -10.58 15.64
N LYS C 61 -15.64 -9.78 16.47
CA LYS C 61 -15.38 -8.41 16.09
C LYS C 61 -14.38 -8.22 14.96
N GLU C 62 -13.67 -9.28 14.60
CA GLU C 62 -12.69 -9.18 13.51
C GLU C 62 -13.41 -8.95 12.19
N MET C 63 -14.72 -9.21 12.18
CA MET C 63 -15.53 -9.06 10.98
C MET C 63 -16.09 -7.64 10.91
N SER C 64 -15.95 -6.92 12.02
CA SER C 64 -16.47 -5.55 12.09
C SER C 64 -15.36 -4.55 12.34
N ILE C 65 -15.69 -3.26 12.21
CA ILE C 65 -14.71 -2.22 12.43
C ILE C 65 -14.44 -2.08 13.91
N GLU C 66 -15.19 -2.80 14.72
CA GLU C 66 -15.00 -2.73 16.17
C GLU C 66 -13.70 -3.38 16.60
N ALA C 67 -13.11 -4.17 15.71
CA ALA C 67 -11.87 -4.84 16.04
C ALA C 67 -10.80 -3.86 16.49
N TYR C 68 -10.91 -2.60 16.05
CA TYR C 68 -9.93 -1.58 16.40
C TYR C 68 -10.31 -0.75 17.63
N GLN C 69 -11.53 -0.92 18.11
CA GLN C 69 -12.02 -0.17 19.26
C GLN C 69 -11.71 -0.77 20.62
N ILE C 70 -10.76 -0.17 21.34
CA ILE C 70 -10.40 -0.64 22.68
C ILE C 70 -11.45 -0.07 23.63
N PRO C 71 -12.14 -0.93 24.39
CA PRO C 71 -13.17 -0.49 25.34
C PRO C 71 -12.60 0.04 26.64
N VAL C 72 -13.15 1.15 27.09
CA VAL C 72 -12.70 1.78 28.32
C VAL C 72 -13.92 2.40 28.96
N GLN C 73 -13.96 2.37 30.30
CA GLN C 73 -15.10 2.94 31.02
C GLN C 73 -14.80 3.24 32.47
N SER C 74 -15.80 3.79 33.14
CA SER C 74 -15.72 4.14 34.55
C SER C 74 -15.88 2.84 35.36
N ASN C 75 -14.94 2.56 36.26
CA ASN C 75 -14.97 1.33 37.07
C ASN C 75 -15.05 1.58 38.56
N PRO C 76 -15.59 0.59 39.32
CA PRO C 76 -15.73 0.68 40.76
C PRO C 76 -14.53 0.00 41.46
N THR C 77 -13.42 -0.11 40.72
CA THR C 77 -12.19 -0.72 41.23
C THR C 77 -10.94 -0.22 40.53
N ASN C 78 -9.82 -0.21 41.22
CA ASN C 78 -8.59 0.26 40.62
C ASN C 78 -7.75 -0.90 40.10
N GLY C 79 -6.88 -0.60 39.15
CA GLY C 79 -5.97 -1.60 38.63
C GLY C 79 -6.48 -2.56 37.59
N SER C 80 -7.77 -2.53 37.29
CA SER C 80 -8.33 -3.42 36.29
C SER C 80 -7.51 -3.34 35.00
N GLN C 81 -7.35 -4.48 34.31
CA GLN C 81 -6.56 -4.49 33.08
C GLN C 81 -7.38 -3.99 31.90
N VAL C 82 -6.71 -3.38 30.92
CA VAL C 82 -7.41 -2.85 29.75
C VAL C 82 -7.23 -3.77 28.54
N PHE C 83 -6.06 -4.37 28.43
CA PHE C 83 -5.77 -5.26 27.32
C PHE C 83 -4.35 -5.77 27.43
N GLY C 84 -4.02 -6.74 26.58
CA GLY C 84 -2.69 -7.29 26.57
C GLY C 84 -2.44 -8.23 25.40
N PHE C 85 -1.28 -8.10 24.78
CA PHE C 85 -0.88 -8.95 23.66
C PHE C 85 0.63 -9.03 23.72
N PRO C 86 1.20 -10.14 23.21
CA PRO C 86 2.65 -10.36 23.19
C PRO C 86 3.42 -9.64 22.11
N LEU C 87 4.66 -9.26 22.41
CA LEU C 87 5.49 -8.58 21.43
C LEU C 87 5.99 -9.64 20.44
N THR C 88 5.08 -10.04 19.57
CA THR C 88 5.35 -11.04 18.54
C THR C 88 4.68 -10.44 17.29
N PRO C 89 5.19 -9.28 16.83
CA PRO C 89 4.70 -8.55 15.67
C PRO C 89 4.53 -9.38 14.43
N GLY C 90 5.34 -10.42 14.31
CA GLY C 90 5.27 -11.25 13.12
C GLY C 90 4.16 -12.26 13.01
N ALA C 91 3.94 -13.04 14.07
CA ALA C 91 2.92 -14.07 14.00
C ALA C 91 1.79 -13.90 14.99
N SER C 92 1.50 -12.66 15.37
CA SER C 92 0.45 -12.47 16.36
C SER C 92 -0.84 -11.98 15.71
N SER C 93 -1.92 -12.74 15.94
CA SER C 93 -3.24 -12.40 15.38
C SER C 93 -3.56 -10.91 15.47
N VAL C 94 -3.03 -10.24 16.48
CA VAL C 94 -3.27 -8.82 16.66
C VAL C 94 -2.42 -7.99 15.69
N LEU C 95 -1.10 -8.10 15.83
CA LEU C 95 -0.18 -7.33 15.03
C LEU C 95 0.08 -7.78 13.60
N ASN C 96 0.55 -9.00 13.45
CA ASN C 96 0.89 -9.54 12.14
C ASN C 96 0.15 -9.00 10.92
N ARG C 97 -1.09 -8.52 11.06
CA ARG C 97 -1.78 -8.02 9.89
C ARG C 97 -1.76 -6.51 9.66
N THR C 98 -0.91 -5.81 10.40
CA THR C 98 -0.77 -4.37 10.27
C THR C 98 0.15 -4.05 9.11
N LEU C 99 0.52 -2.77 8.98
CA LEU C 99 1.43 -2.37 7.93
C LEU C 99 2.76 -3.00 8.28
N LEU C 100 3.15 -2.86 9.54
CA LEU C 100 4.38 -3.43 10.05
C LEU C 100 4.34 -4.95 9.96
N GLY C 101 3.19 -5.51 10.33
CA GLY C 101 3.03 -6.95 10.27
C GLY C 101 3.17 -7.51 8.88
N GLU C 102 2.45 -6.89 7.93
CA GLU C 102 2.45 -7.29 6.54
C GLU C 102 3.86 -7.37 5.98
N ILE C 103 4.62 -6.30 6.18
CA ILE C 103 5.98 -6.23 5.71
C ILE C 103 6.79 -7.37 6.36
N LEU C 104 6.70 -7.47 7.67
CA LEU C 104 7.42 -8.50 8.40
C LEU C 104 7.18 -9.88 7.81
N ASN C 105 5.94 -10.16 7.43
CA ASN C 105 5.64 -11.46 6.87
C ASN C 105 6.21 -11.76 5.51
N TYR C 106 7.09 -10.89 5.01
CA TYR C 106 7.72 -11.13 3.73
C TYR C 106 9.19 -11.45 4.01
N TYR C 107 9.54 -11.46 5.29
CA TYR C 107 10.90 -11.75 5.73
C TYR C 107 10.92 -12.84 6.80
N ALA C 108 12.09 -13.07 7.40
CA ALA C 108 12.18 -14.11 8.43
C ALA C 108 12.91 -13.66 9.69
N HIS C 109 13.70 -12.60 9.57
CA HIS C 109 14.47 -12.05 10.70
C HIS C 109 14.08 -10.60 10.90
N TRP C 110 14.05 -10.14 12.15
CA TRP C 110 13.75 -8.73 12.42
C TRP C 110 14.45 -8.19 13.68
N SER C 111 14.67 -6.88 13.71
CA SER C 111 15.33 -6.23 14.84
C SER C 111 14.97 -4.76 14.89
N GLY C 112 14.71 -4.24 16.08
CA GLY C 112 14.36 -2.83 16.20
C GLY C 112 13.36 -2.47 17.28
N SER C 113 13.18 -1.18 17.48
CA SER C 113 12.24 -0.68 18.46
C SER C 113 10.88 -0.41 17.82
N ILE C 114 9.84 -0.44 18.63
CA ILE C 114 8.49 -0.21 18.13
C ILE C 114 7.78 0.92 18.86
N LYS C 115 6.91 1.60 18.13
CA LYS C 115 6.13 2.71 18.66
C LYS C 115 4.66 2.33 18.72
N LEU C 116 4.09 2.38 19.90
CA LEU C 116 2.67 2.12 20.04
C LEU C 116 2.04 3.43 20.46
N THR C 117 1.16 3.96 19.62
CA THR C 117 0.53 5.22 19.93
C THR C 117 -0.91 4.95 20.33
N PHE C 118 -1.39 5.66 21.34
CA PHE C 118 -2.76 5.50 21.80
C PHE C 118 -3.52 6.80 21.71
N MET C 119 -4.73 6.71 21.18
CA MET C 119 -5.59 7.87 21.01
C MET C 119 -6.91 7.70 21.74
N PHE C 120 -7.14 8.57 22.72
CA PHE C 120 -8.36 8.53 23.51
C PHE C 120 -9.49 9.19 22.75
N CYS C 121 -10.58 8.47 22.53
CA CYS C 121 -11.71 9.01 21.78
C CYS C 121 -12.98 9.14 22.60
N GLY C 122 -12.87 9.73 23.77
CA GLY C 122 -14.04 9.92 24.59
C GLY C 122 -14.36 11.40 24.59
N SER C 123 -15.50 11.76 25.16
CA SER C 123 -15.91 13.15 25.22
C SER C 123 -14.82 14.00 25.83
N ALA C 124 -14.76 15.25 25.41
CA ALA C 124 -13.73 16.15 25.93
C ALA C 124 -13.92 16.43 27.41
N MET C 125 -15.03 15.97 27.98
CA MET C 125 -15.28 16.19 29.39
C MET C 125 -14.77 15.04 30.26
N ALA C 126 -14.39 13.95 29.61
CA ALA C 126 -13.90 12.76 30.29
C ALA C 126 -12.43 12.85 30.65
N THR C 127 -12.07 12.26 31.79
CA THR C 127 -10.68 12.24 32.25
C THR C 127 -10.24 10.86 32.66
N GLY C 128 -8.93 10.73 32.93
CA GLY C 128 -8.41 9.45 33.35
C GLY C 128 -6.93 9.30 33.08
N LYS C 129 -6.28 8.50 33.92
CA LYS C 129 -4.85 8.24 33.79
C LYS C 129 -4.64 6.75 33.54
N PHE C 130 -3.79 6.41 32.58
CA PHE C 130 -3.54 5.01 32.26
C PHE C 130 -2.07 4.63 32.42
N LEU C 131 -1.82 3.34 32.58
CA LEU C 131 -0.45 2.85 32.71
C LEU C 131 -0.15 1.86 31.60
N LEU C 132 0.60 2.30 30.59
CA LEU C 132 0.97 1.47 29.44
C LEU C 132 2.31 0.82 29.80
N ALA C 133 2.40 -0.50 29.72
CA ALA C 133 3.65 -1.13 30.10
C ALA C 133 4.08 -2.37 29.33
N TYR C 134 5.39 -2.46 29.15
CA TYR C 134 6.04 -3.56 28.46
C TYR C 134 6.94 -4.32 29.42
N SER C 135 6.70 -5.61 29.55
CA SER C 135 7.49 -6.45 30.44
C SER C 135 8.25 -7.48 29.61
N PRO C 136 9.60 -7.41 29.59
CA PRO C 136 10.40 -8.36 28.83
C PRO C 136 10.08 -9.79 29.23
N PRO C 137 10.37 -10.77 28.34
CA PRO C 137 10.10 -12.17 28.66
C PRO C 137 11.08 -12.61 29.71
N GLY C 138 10.71 -13.60 30.51
CA GLY C 138 11.60 -14.06 31.56
C GLY C 138 10.75 -14.64 32.66
N ALA C 139 9.95 -13.78 33.28
CA ALA C 139 9.03 -14.22 34.32
C ALA C 139 7.73 -14.42 33.57
N GLY C 140 6.63 -14.63 34.29
CA GLY C 140 5.38 -14.83 33.58
C GLY C 140 4.96 -13.53 32.92
N ALA C 141 3.65 -13.35 32.72
CA ALA C 141 3.14 -12.14 32.13
C ALA C 141 2.50 -11.40 33.30
N PRO C 142 2.61 -10.08 33.35
CA PRO C 142 2.03 -9.33 34.46
C PRO C 142 0.53 -9.56 34.56
N THR C 143 0.05 -9.70 35.80
CA THR C 143 -1.36 -9.94 36.05
C THR C 143 -1.90 -8.99 37.11
N THR C 144 -1.15 -7.93 37.38
CA THR C 144 -1.50 -6.94 38.37
C THR C 144 -0.98 -5.64 37.81
N ARG C 145 -1.49 -4.50 38.26
CA ARG C 145 -0.93 -3.25 37.77
C ARG C 145 0.51 -3.32 38.30
N LYS C 146 0.65 -3.83 39.53
CA LYS C 146 1.97 -4.02 40.12
C LYS C 146 2.49 -5.14 39.24
N GLU C 147 3.78 -5.42 39.25
CA GLU C 147 4.29 -6.47 38.38
C GLU C 147 4.45 -5.84 37.01
N ALA C 148 3.33 -5.40 36.44
CA ALA C 148 3.39 -4.77 35.14
C ALA C 148 4.25 -3.52 35.29
N MET C 149 4.01 -2.79 36.38
CA MET C 149 4.72 -1.54 36.67
C MET C 149 6.20 -1.69 36.98
N LEU C 150 6.62 -2.90 37.33
CA LEU C 150 8.03 -3.14 37.63
C LEU C 150 8.79 -3.22 36.31
N GLY C 151 8.04 -3.16 35.21
CA GLY C 151 8.64 -3.22 33.88
C GLY C 151 8.86 -1.84 33.27
N THR C 152 9.13 -1.79 31.97
CA THR C 152 9.34 -0.51 31.32
C THR C 152 7.97 0.06 31.05
N HIS C 153 7.73 1.30 31.50
CA HIS C 153 6.43 1.91 31.31
C HIS C 153 6.37 3.43 31.25
N VAL C 154 5.18 3.90 30.93
CA VAL C 154 4.87 5.31 30.83
C VAL C 154 3.47 5.48 31.37
N ILE C 155 3.25 6.49 32.20
CA ILE C 155 1.92 6.75 32.73
C ILE C 155 1.34 7.88 31.91
N TRP C 156 0.27 7.58 31.19
CA TRP C 156 -0.39 8.52 30.29
C TRP C 156 -1.65 9.17 30.84
N ASP C 157 -1.58 10.48 31.08
CA ASP C 157 -2.72 11.22 31.58
C ASP C 157 -3.42 11.75 30.36
N VAL C 158 -4.74 11.69 30.33
CA VAL C 158 -5.47 12.17 29.17
C VAL C 158 -5.88 13.65 29.32
N GLY C 159 -5.00 14.55 28.88
CA GLY C 159 -5.31 15.97 28.93
C GLY C 159 -5.61 16.36 27.48
N LEU C 160 -5.29 17.59 27.06
CA LEU C 160 -5.52 18.01 25.66
C LEU C 160 -4.77 17.08 24.67
N GLN C 161 -3.57 16.64 25.07
CA GLN C 161 -2.78 15.72 24.25
C GLN C 161 -3.47 14.36 24.46
N SER C 162 -4.26 13.99 23.46
CA SER C 162 -5.01 12.77 23.50
C SER C 162 -4.23 11.59 22.96
N SER C 163 -3.04 11.83 22.44
CA SER C 163 -2.25 10.73 21.90
C SER C 163 -0.94 10.51 22.66
N CYS C 164 -0.81 9.32 23.25
CA CYS C 164 0.40 9.00 24.00
C CYS C 164 1.22 7.96 23.28
N VAL C 165 2.53 8.20 23.27
CA VAL C 165 3.46 7.31 22.61
C VAL C 165 4.35 6.48 23.53
N LEU C 166 3.96 5.22 23.72
CA LEU C 166 4.78 4.30 24.50
C LEU C 166 5.83 3.88 23.48
N CYS C 167 6.97 3.38 23.92
CA CYS C 167 7.99 3.02 22.95
C CYS C 167 8.75 1.76 23.34
N ILE C 168 8.32 0.62 22.83
CA ILE C 168 8.97 -0.65 23.14
C ILE C 168 10.39 -0.67 22.58
N PRO C 169 11.40 -0.59 23.45
CA PRO C 169 12.80 -0.59 23.04
C PRO C 169 13.26 -2.00 22.72
N TRP C 170 14.32 -2.12 21.91
CA TRP C 170 14.82 -3.43 21.54
C TRP C 170 15.63 -3.97 22.69
N ILE C 171 15.23 -5.15 23.17
CA ILE C 171 15.93 -5.80 24.27
C ILE C 171 15.85 -7.29 24.01
N SER C 172 16.94 -7.85 23.52
CA SER C 172 17.01 -9.26 23.20
C SER C 172 18.39 -9.83 23.45
N GLN C 173 18.46 -11.14 23.67
CA GLN C 173 19.74 -11.79 23.90
C GLN C 173 20.46 -11.81 22.56
N THR C 174 19.70 -11.86 21.48
CA THR C 174 20.28 -11.89 20.16
C THR C 174 19.97 -10.63 19.39
N HIS C 175 20.71 -10.39 18.32
CA HIS C 175 20.50 -9.22 17.51
C HIS C 175 19.17 -9.21 16.82
N TYR C 176 18.84 -10.31 16.15
CA TYR C 176 17.55 -10.38 15.46
C TYR C 176 16.66 -11.39 16.12
N ARG C 177 15.38 -11.35 15.79
CA ARG C 177 14.43 -12.30 16.33
C ARG C 177 13.74 -12.94 15.14
N TYR C 178 13.35 -14.20 15.25
CA TYR C 178 12.65 -14.85 14.16
C TYR C 178 11.31 -14.16 13.97
N VAL C 179 10.82 -14.17 12.74
CA VAL C 179 9.54 -13.56 12.44
C VAL C 179 8.44 -14.51 12.88
N VAL C 180 8.79 -15.80 12.99
CA VAL C 180 7.80 -16.78 13.43
C VAL C 180 7.86 -16.85 14.92
N MET C 181 6.88 -17.51 15.53
CA MET C 181 6.84 -17.64 16.99
C MET C 181 7.77 -18.75 17.50
N ASP C 182 8.94 -18.38 17.99
CA ASP C 182 9.93 -19.32 18.51
C ASP C 182 10.23 -18.91 19.94
N GLU C 183 10.01 -19.81 20.89
CA GLU C 183 10.23 -19.47 22.28
C GLU C 183 11.67 -19.07 22.59
N TYR C 184 12.60 -19.47 21.74
CA TYR C 184 13.97 -19.09 21.97
C TYR C 184 14.02 -17.60 21.83
N THR C 185 13.32 -17.13 20.80
CA THR C 185 13.29 -15.73 20.48
C THR C 185 12.02 -15.00 21.00
N ALA C 186 11.57 -15.38 22.19
CA ALA C 186 10.39 -14.76 22.78
C ALA C 186 10.58 -13.26 22.82
N GLY C 187 9.46 -12.54 22.76
CA GLY C 187 9.55 -11.09 22.76
C GLY C 187 9.02 -10.34 23.96
N GLY C 188 8.33 -11.01 24.87
CA GLY C 188 7.83 -10.27 26.02
C GLY C 188 6.34 -9.95 25.96
N TYR C 189 5.89 -9.13 26.90
CA TYR C 189 4.46 -8.82 27.00
C TYR C 189 4.08 -7.34 27.08
N ILE C 190 3.01 -6.98 26.37
CA ILE C 190 2.52 -5.61 26.36
C ILE C 190 1.16 -5.52 27.03
N THR C 191 1.09 -4.75 28.10
CA THR C 191 -0.14 -4.60 28.87
C THR C 191 -0.49 -3.16 29.21
N CYS C 192 -1.76 -2.93 29.47
CA CYS C 192 -2.27 -1.59 29.81
C CYS C 192 -3.26 -1.67 30.97
N TRP C 193 -3.11 -0.77 31.95
CA TRP C 193 -3.98 -0.80 33.12
C TRP C 193 -4.49 0.56 33.58
N TYR C 194 -5.60 0.55 34.31
CA TYR C 194 -6.18 1.78 34.82
C TYR C 194 -5.29 2.30 35.95
N GLN C 195 -4.77 3.51 35.77
CA GLN C 195 -3.94 4.12 36.80
C GLN C 195 -4.89 4.85 37.73
N THR C 196 -5.96 5.36 37.16
CA THR C 196 -6.97 6.12 37.88
C THR C 196 -8.25 6.14 37.08
N ASN C 197 -9.16 5.24 37.39
CA ASN C 197 -10.46 5.15 36.71
C ASN C 197 -10.96 6.38 35.88
N ILE C 198 -11.74 6.12 34.84
CA ILE C 198 -12.31 7.18 33.98
C ILE C 198 -13.38 7.98 34.73
N VAL C 199 -13.12 9.27 34.95
CA VAL C 199 -14.07 10.13 35.64
C VAL C 199 -14.83 11.00 34.64
N VAL C 200 -16.15 11.04 34.80
CA VAL C 200 -17.03 11.80 33.90
C VAL C 200 -18.11 12.60 34.64
N PRO C 201 -18.53 13.76 34.08
CA PRO C 201 -19.57 14.55 34.75
C PRO C 201 -20.93 13.95 34.39
N ALA C 202 -22.00 14.58 34.84
CA ALA C 202 -23.33 14.07 34.52
C ALA C 202 -23.62 14.36 33.05
N ASP C 203 -24.39 13.49 32.42
CA ASP C 203 -24.78 13.67 31.02
C ASP C 203 -23.63 13.53 30.00
N ALA C 204 -22.57 12.84 30.41
CA ALA C 204 -21.45 12.60 29.52
C ALA C 204 -21.19 11.10 29.55
N GLN C 205 -20.93 10.52 28.38
CA GLN C 205 -20.69 9.09 28.25
C GLN C 205 -19.56 8.54 29.14
N SER C 206 -19.86 7.47 29.87
CA SER C 206 -18.89 6.84 30.75
C SER C 206 -17.92 6.00 29.92
N ASP C 207 -18.46 5.20 29.00
CA ASP C 207 -17.62 4.36 28.16
C ASP C 207 -17.13 5.07 26.91
N CYS C 208 -15.85 4.86 26.62
CA CYS C 208 -15.21 5.48 25.47
C CYS C 208 -14.37 4.43 24.76
N LYS C 209 -13.68 4.85 23.71
CA LYS C 209 -12.85 3.94 22.94
C LYS C 209 -11.46 4.50 22.71
N ILE C 210 -10.45 3.64 22.76
CA ILE C 210 -9.06 4.04 22.53
C ILE C 210 -8.57 3.33 21.27
N LEU C 211 -7.87 4.08 20.42
CA LEU C 211 -7.33 3.49 19.20
C LEU C 211 -5.84 3.34 19.40
N CYS C 212 -5.26 2.30 18.80
CA CYS C 212 -3.84 2.04 18.93
C CYS C 212 -3.13 1.86 17.60
N PHE C 213 -2.00 2.54 17.42
CA PHE C 213 -1.26 2.43 16.17
C PHE C 213 0.12 1.84 16.40
N VAL C 214 0.58 0.98 15.50
CA VAL C 214 1.90 0.36 15.60
C VAL C 214 2.77 0.84 14.43
N SER C 215 4.08 0.95 14.67
CA SER C 215 5.04 1.38 13.66
C SER C 215 6.46 1.17 14.18
N ALA C 216 7.43 1.11 13.28
CA ALA C 216 8.82 0.88 13.67
C ALA C 216 9.60 2.16 13.85
N CYS C 217 10.63 2.10 14.70
CA CYS C 217 11.51 3.24 14.97
C CYS C 217 12.67 3.30 13.97
N ASN C 218 13.49 4.35 14.07
CA ASN C 218 14.60 4.53 13.14
C ASN C 218 15.78 3.55 13.28
N ASP C 219 15.62 2.55 14.15
CA ASP C 219 16.66 1.56 14.35
C ASP C 219 16.16 0.19 13.95
N PHE C 220 15.00 0.16 13.28
CA PHE C 220 14.39 -1.10 12.86
C PHE C 220 14.91 -1.59 11.52
N SER C 221 15.02 -2.91 11.37
CA SER C 221 15.48 -3.52 10.12
C SER C 221 14.95 -4.96 9.98
N VAL C 222 15.11 -5.54 8.79
CA VAL C 222 14.64 -6.90 8.53
C VAL C 222 15.59 -7.64 7.58
N ARG C 223 15.56 -8.98 7.64
CA ARG C 223 16.41 -9.80 6.80
C ARG C 223 15.72 -11.10 6.36
N MET C 224 16.32 -11.76 5.38
CA MET C 224 15.84 -13.03 4.85
C MET C 224 14.49 -12.95 4.17
N LEU C 225 14.48 -12.86 2.85
CA LEU C 225 13.25 -12.77 2.07
C LEU C 225 12.51 -14.09 1.96
N LYS C 226 11.18 -14.03 2.00
CA LYS C 226 10.34 -15.23 1.91
C LYS C 226 8.92 -14.84 1.51
N ASP C 227 8.19 -15.78 0.91
CA ASP C 227 6.82 -15.49 0.50
C ASP C 227 5.93 -15.33 1.71
N THR C 228 4.87 -14.54 1.58
CA THR C 228 3.93 -14.34 2.68
C THR C 228 3.08 -15.57 2.80
N PRO C 229 2.69 -15.91 4.03
CA PRO C 229 1.86 -17.07 4.27
C PRO C 229 0.42 -16.64 4.08
N PHE C 230 0.25 -15.33 3.89
CA PHE C 230 -1.07 -14.68 3.74
C PHE C 230 -1.83 -14.77 2.42
N ILE C 231 -1.16 -15.11 1.33
CA ILE C 231 -1.87 -15.15 0.07
C ILE C 231 -1.70 -16.50 -0.60
N LYS C 232 -2.81 -17.19 -0.81
CA LYS C 232 -2.80 -18.51 -1.42
C LYS C 232 -3.41 -18.41 -2.82
N GLN C 233 -3.61 -19.56 -3.44
CA GLN C 233 -4.16 -19.61 -4.80
C GLN C 233 -4.36 -21.06 -5.21
N ASP C 234 -5.44 -21.32 -5.95
CA ASP C 234 -5.72 -22.68 -6.39
C ASP C 234 -5.54 -23.01 -7.87
N ASN C 235 -5.86 -22.06 -8.75
CA ASN C 235 -5.69 -22.23 -10.19
C ASN C 235 -5.31 -20.87 -10.68
N PHE C 236 -4.98 -20.75 -11.95
CA PHE C 236 -4.64 -19.44 -12.46
C PHE C 236 -5.94 -18.64 -12.46
N PHE C 237 -5.84 -17.35 -12.17
CA PHE C 237 -7.03 -16.52 -12.13
C PHE C 237 -7.56 -16.18 -13.52
N GLN C 238 -8.79 -15.68 -13.55
CA GLN C 238 -9.46 -15.28 -14.79
C GLN C 238 -10.60 -14.31 -14.50
N GLY D 1 37.36 -1.19 -20.49
CA GLY D 1 36.93 -0.06 -19.67
C GLY D 1 35.94 -0.51 -18.61
N ALA D 2 36.45 -1.19 -17.59
CA ALA D 2 35.61 -1.72 -16.49
C ALA D 2 35.45 -0.77 -15.30
N GLN D 3 34.83 -1.31 -14.25
CA GLN D 3 34.55 -0.55 -13.03
C GLN D 3 34.55 -1.44 -11.79
N VAL D 4 35.17 -0.94 -10.72
CA VAL D 4 35.25 -1.67 -9.46
C VAL D 4 34.37 -1.04 -8.37
N SER D 5 33.55 -1.87 -7.73
CA SER D 5 32.65 -1.42 -6.68
C SER D 5 32.88 -2.30 -5.47
N THR D 6 32.58 -1.80 -4.29
CA THR D 6 32.77 -2.60 -3.08
C THR D 6 31.67 -3.65 -2.96
N GLN D 7 32.00 -4.75 -2.30
CA GLN D 7 31.06 -5.84 -2.10
C GLN D 7 30.23 -5.62 -0.83
N LYS D 8 29.28 -6.52 -0.60
CA LYS D 8 28.43 -6.49 0.57
C LYS D 8 29.15 -7.28 1.68
N THR D 9 29.65 -6.57 2.70
CA THR D 9 30.38 -7.21 3.80
C THR D 9 29.82 -6.89 5.20
N GLY D 10 30.55 -7.30 6.25
CA GLY D 10 30.12 -7.07 7.62
C GLY D 10 30.76 -5.90 8.34
N ILE D 24 37.08 -5.23 0.39
CA ILE D 24 37.14 -5.99 -0.86
C ILE D 24 36.04 -5.59 -1.84
N HIS D 25 36.43 -5.51 -3.12
CA HIS D 25 35.53 -5.11 -4.20
C HIS D 25 35.30 -6.23 -5.20
N TYR D 26 34.67 -5.88 -6.31
CA TYR D 26 34.39 -6.80 -7.39
C TYR D 26 34.39 -5.99 -8.67
N THR D 27 35.12 -6.48 -9.66
CA THR D 27 35.20 -5.79 -10.94
C THR D 27 33.95 -6.09 -11.75
N ASN D 28 33.66 -5.24 -12.74
CA ASN D 28 32.50 -5.44 -13.59
C ASN D 28 32.51 -4.62 -14.89
N ILE D 29 32.06 -5.27 -15.97
CA ILE D 29 31.97 -4.64 -17.29
C ILE D 29 30.61 -4.99 -17.88
N ASN D 30 30.01 -4.05 -18.62
CA ASN D 30 28.75 -4.31 -19.28
C ASN D 30 29.11 -4.76 -20.68
N TYR D 31 28.55 -5.89 -21.10
CA TYR D 31 28.86 -6.41 -22.42
C TYR D 31 27.84 -6.07 -23.48
N TYR D 32 26.64 -5.64 -23.06
CA TYR D 32 25.55 -5.30 -23.98
C TYR D 32 25.33 -3.80 -24.22
N LYS D 33 24.73 -3.46 -25.36
CA LYS D 33 24.49 -2.08 -25.78
C LYS D 33 23.25 -1.39 -25.17
N ASP D 34 22.25 -2.21 -24.83
CA ASP D 34 21.03 -1.69 -24.22
C ASP D 34 21.17 -1.75 -22.72
N ALA D 35 21.10 -0.60 -22.05
CA ALA D 35 21.24 -0.58 -20.60
C ALA D 35 20.26 -1.52 -19.89
N ALA D 36 19.18 -1.88 -20.55
CA ALA D 36 18.20 -2.76 -19.94
C ALA D 36 18.81 -4.12 -19.69
N SER D 37 19.87 -4.44 -20.43
CA SER D 37 20.52 -5.72 -20.29
C SER D 37 21.31 -5.85 -19.00
N ASN D 38 21.70 -4.73 -18.40
CA ASN D 38 22.47 -4.75 -17.16
C ASN D 38 21.78 -5.42 -15.99
N SER D 39 22.58 -5.78 -14.99
CA SER D 39 22.07 -6.44 -13.78
C SER D 39 21.41 -5.42 -12.85
N ALA D 40 20.61 -5.91 -11.91
CA ALA D 40 19.91 -5.02 -10.97
C ALA D 40 20.93 -4.26 -10.14
N ASN D 41 20.68 -2.97 -9.93
CA ASN D 41 21.57 -2.14 -9.13
C ASN D 41 21.13 -2.35 -7.69
N ARG D 42 21.91 -3.14 -6.96
CA ARG D 42 21.56 -3.43 -5.58
C ARG D 42 22.46 -2.67 -4.60
N GLN D 43 23.50 -2.03 -5.13
CA GLN D 43 24.42 -1.24 -4.29
C GLN D 43 23.75 0.10 -3.92
N ASP D 44 22.48 0.24 -4.32
CA ASP D 44 21.70 1.45 -4.04
C ASP D 44 21.26 1.51 -2.57
N PHE D 45 21.16 2.73 -2.01
CA PHE D 45 20.74 2.88 -0.60
C PHE D 45 20.05 4.22 -0.20
N THR D 46 19.28 4.84 -1.10
CA THR D 46 18.57 6.11 -0.80
C THR D 46 17.37 5.88 0.15
N GLN D 47 16.89 6.94 0.80
CA GLN D 47 15.74 6.82 1.70
C GLN D 47 15.14 8.13 2.28
N ASP D 48 13.84 8.36 2.05
CA ASP D 48 13.16 9.53 2.61
C ASP D 48 11.79 9.18 3.23
N PRO D 49 11.78 8.94 4.56
CA PRO D 49 10.57 8.61 5.31
C PRO D 49 9.70 9.85 5.59
N GLY D 50 10.32 11.03 5.46
CA GLY D 50 9.63 12.31 5.67
C GLY D 50 8.40 12.51 4.76
N LYS D 51 8.31 11.69 3.70
CA LYS D 51 7.18 11.73 2.75
C LYS D 51 5.97 11.15 3.48
N PHE D 52 6.17 9.95 4.00
CA PHE D 52 5.14 9.18 4.70
C PHE D 52 4.89 9.58 6.18
N THR D 53 5.94 9.98 6.89
CA THR D 53 5.78 10.44 8.29
C THR D 53 6.12 11.94 8.30
N GLU D 54 5.44 12.73 9.14
CA GLU D 54 5.66 14.20 9.20
C GLU D 54 5.30 14.93 7.88
N PRO D 55 4.31 14.39 7.10
CA PRO D 55 3.96 15.09 5.84
C PRO D 55 3.15 16.36 6.12
N VAL D 56 3.33 16.91 7.32
CA VAL D 56 2.65 18.12 7.76
C VAL D 56 3.45 19.35 7.26
N LYS D 57 2.70 20.41 6.88
CA LYS D 57 3.28 21.66 6.37
C LYS D 57 3.97 22.37 7.53
N ASP D 58 3.63 21.90 8.73
CA ASP D 58 4.15 22.49 9.96
C ASP D 58 5.09 21.53 10.72
N ILE D 59 6.36 21.94 10.82
CA ILE D 59 7.40 21.16 11.51
C ILE D 59 7.05 21.00 13.01
N MET D 60 7.09 19.76 13.51
CA MET D 60 6.76 19.49 14.92
C MET D 60 7.95 19.15 15.84
N VAL D 61 8.10 19.91 16.93
CA VAL D 61 9.15 19.68 17.93
C VAL D 61 8.66 18.59 18.93
N LYS D 62 9.41 17.48 19.01
CA LYS D 62 9.07 16.35 19.90
C LYS D 62 8.75 16.78 21.34
N SER D 63 9.61 17.66 21.89
CA SER D 63 9.48 18.19 23.27
C SER D 63 8.17 18.96 23.49
N MET D 64 7.66 19.57 22.41
CA MET D 64 6.43 20.35 22.45
C MET D 64 5.14 19.54 22.23
N PRO D 65 3.98 20.20 22.46
CA PRO D 65 2.69 19.52 22.27
C PRO D 65 2.15 19.86 20.83
N ALA D 66 1.34 18.95 20.27
CA ALA D 66 0.77 19.15 18.93
C ALA D 66 -0.43 20.12 18.92
N LEU D 67 -0.66 20.76 20.08
CA LEU D 67 -1.73 21.75 20.29
C LEU D 67 -1.36 22.77 21.39
N ASN D 68 -1.29 24.05 21.01
CA ASN D 68 -0.90 25.11 21.95
C ASN D 68 -1.37 26.52 21.51
#